data_6VQZ
#
_entry.id   6VQZ
#
_cell.length_a   45.495
_cell.length_b   130.516
_cell.length_c   90.170
_cell.angle_alpha   90.000
_cell.angle_beta   104.410
_cell.angle_gamma   90.000
#
_symmetry.space_group_name_H-M   'P 1 21 1'
#
loop_
_entity.id
_entity.type
_entity.pdbx_description
1 polymer 'MHC class I antigen'
2 polymer Beta-2-microglobulin
3 polymer '6-mer peptide'
4 non-polymer ARGININE
5 water water
#
loop_
_entity_poly.entity_id
_entity_poly.type
_entity_poly.pdbx_seq_one_letter_code
_entity_poly.pdbx_strand_id
1 'polypeptide(L)'
;GSHSMRYFHTSVSRPGRGEPRFITVGYVDDTLFVRFDSDAASPREEPRAPWIEQEGPEYWDRETQICKAKAQTDREDLRT
LLRYYNQSEAGSHTLQNMYGCDVGPDGRLLRGYHQDAYDGKDYIALNEDLSSWTAADTAAQITQRKWEAARVAEQLRAYL
EGECVEWLRRYLENGKETLQRADPPKTHVTHHPISDHEATLRCWALGFYPAEITLTWQRDGEDQTQDTELVETRPAGDRT
FQKWAAVVVPSGEEQRYTCHVQHEGLPKPLTLRWEP
;
A,C
2 'polypeptide(L)'
;IQRTPKIQVYSRHPAENGKSNFLNCYVSGFHPSDIEVDLLKNGERIEKVEHSDLSFSKDWSFYLLYYTEFTPTEKDEYAC
RVNHVTLSQPKIVKWDRDM
;
B,D
3 'polypeptide(L)' KRWIIL G,F
#
# COMPACT_ATOMS: atom_id res chain seq x y z
N GLY A 1 31.93 -8.91 22.25
CA GLY A 1 32.95 -7.90 22.06
C GLY A 1 32.45 -6.49 22.34
N SER A 2 32.89 -5.54 21.53
CA SER A 2 32.45 -4.15 21.62
C SER A 2 31.04 -3.95 21.10
N HIS A 3 30.31 -3.02 21.70
CA HIS A 3 28.94 -2.75 21.30
C HIS A 3 28.73 -1.25 21.14
N SER A 4 27.71 -0.87 20.38
CA SER A 4 27.48 0.55 20.11
C SER A 4 26.02 0.89 20.19
N MET A 5 25.76 2.13 20.60
CA MET A 5 24.42 2.70 20.56
C MET A 5 24.42 3.91 19.65
N ARG A 6 23.42 4.00 18.76
CA ARG A 6 23.31 5.11 17.83
C ARG A 6 21.87 5.62 17.68
N TYR A 7 21.73 6.94 17.60
CA TYR A 7 20.46 7.56 17.27
C TYR A 7 20.60 8.38 15.99
N PHE A 8 19.76 8.12 15.00
CA PHE A 8 19.82 8.81 13.71
C PHE A 8 18.63 9.74 13.51
N HIS A 9 18.89 10.94 13.01
CA HIS A 9 17.84 11.96 12.88
C HIS A 9 17.90 12.61 11.50
N THR A 10 16.76 12.72 10.82
CA THR A 10 16.70 13.41 9.55
C THR A 10 15.48 14.33 9.43
N SER A 11 15.72 15.62 9.19
CA SER A 11 14.63 16.56 8.92
C SER A 11 14.75 17.13 7.53
N VAL A 12 13.67 17.08 6.77
CA VAL A 12 13.65 17.59 5.40
C VAL A 12 12.49 18.57 5.23
N SER A 13 12.81 19.81 4.88
CA SER A 13 11.82 20.84 4.68
C SER A 13 11.02 20.60 3.41
N ARG A 14 9.73 20.94 3.43
CA ARG A 14 8.85 20.71 2.28
C ARG A 14 8.14 21.98 1.85
N PRO A 15 8.83 22.84 1.11
CA PRO A 15 8.30 24.11 0.60
C PRO A 15 6.98 23.93 -0.13
N GLY A 16 5.94 24.58 0.37
CA GLY A 16 4.62 24.48 -0.21
C GLY A 16 3.79 23.35 0.39
N ARG A 17 4.37 22.15 0.48
CA ARG A 17 3.66 20.99 1.00
C ARG A 17 3.30 21.17 2.47
N GLY A 18 4.21 21.74 3.24
CA GLY A 18 3.97 21.97 4.66
C GLY A 18 5.22 22.08 5.51
N GLU A 19 5.10 21.71 6.77
CA GLU A 19 6.21 21.76 7.70
C GLU A 19 7.14 20.58 7.48
N PRO A 20 8.41 20.72 7.86
CA PRO A 20 9.45 19.71 7.62
C PRO A 20 9.12 18.32 8.16
N ARG A 21 9.56 17.30 7.43
CA ARG A 21 9.36 15.91 7.82
C ARG A 21 10.50 15.44 8.74
N PHE A 22 10.15 14.89 9.89
CA PHE A 22 11.14 14.42 10.86
C PHE A 22 11.05 12.92 11.11
N ILE A 23 12.16 12.22 10.92
CA ILE A 23 12.25 10.78 11.16
C ILE A 23 13.54 10.41 11.90
N THR A 24 13.40 9.66 12.99
CA THR A 24 14.56 9.21 13.77
C THR A 24 14.50 7.73 14.14
N VAL A 25 15.66 7.07 14.13
CA VAL A 25 15.75 5.67 14.52
C VAL A 25 16.84 5.45 15.57
N GLY A 26 16.67 4.41 16.38
CA GLY A 26 17.67 4.03 17.36
C GLY A 26 18.20 2.64 17.06
N TYR A 27 19.52 2.47 17.16
CA TYR A 27 20.17 1.21 16.85
C TYR A 27 21.07 0.78 18.01
N VAL A 28 20.93 -0.46 18.46
CA VAL A 28 21.96 -1.05 19.31
C VAL A 28 22.69 -2.09 18.48
N ASP A 29 23.95 -1.79 18.18
CA ASP A 29 24.72 -2.53 17.19
C ASP A 29 23.98 -2.40 15.86
N ASP A 30 23.62 -3.54 15.27
CA ASP A 30 22.92 -3.57 14.00
C ASP A 30 21.44 -3.86 14.18
N THR A 31 20.95 -3.62 15.40
CA THR A 31 19.56 -3.89 15.75
C THR A 31 18.73 -2.63 15.98
N LEU A 32 17.79 -2.38 15.08
CA LEU A 32 16.89 -1.25 15.24
C LEU A 32 16.01 -1.47 16.46
N PHE A 33 15.94 -0.52 17.38
CA PHE A 33 15.09 -0.73 18.54
C PHE A 33 14.05 0.38 18.80
N VAL A 34 14.24 1.55 18.21
CA VAL A 34 13.24 2.61 18.35
C VAL A 34 13.07 3.39 17.06
N ARG A 35 11.94 4.08 16.96
CA ARG A 35 11.61 4.86 15.78
C ARG A 35 10.59 5.95 16.11
N PHE A 36 10.63 7.04 15.37
CA PHE A 36 9.69 8.15 15.48
C PHE A 36 9.46 8.74 14.09
N ASP A 37 8.21 8.86 13.67
CA ASP A 37 7.88 9.53 12.41
C ASP A 37 6.88 10.66 12.69
N SER A 38 7.17 11.83 12.16
CA SER A 38 6.28 12.98 12.34
C SER A 38 5.06 12.89 11.43
N ASP A 39 5.05 11.92 10.52
CA ASP A 39 3.93 11.71 9.61
C ASP A 39 2.75 11.02 10.28
N ALA A 40 2.98 10.50 11.49
CA ALA A 40 1.93 9.82 12.25
C ALA A 40 0.87 10.79 12.75
N ALA A 41 -0.35 10.27 12.97
CA ALA A 41 -1.45 11.09 13.46
C ALA A 41 -1.22 11.56 14.89
N SER A 42 -0.84 10.63 15.76
CA SER A 42 -0.46 10.94 17.14
C SER A 42 0.89 10.33 17.42
N PRO A 43 1.95 10.93 16.86
CA PRO A 43 3.31 10.36 16.88
C PRO A 43 3.82 10.05 18.28
N ARG A 44 4.50 8.91 18.38
N ARG A 44 4.50 8.92 18.38
CA ARG A 44 5.14 8.46 19.61
CA ARG A 44 5.15 8.49 19.62
C ARG A 44 6.36 7.62 19.28
C ARG A 44 6.37 7.66 19.26
N GLU A 45 7.33 7.56 20.18
CA GLU A 45 8.46 6.68 19.97
C GLU A 45 7.96 5.25 20.20
N GLU A 46 8.18 4.39 19.21
CA GLU A 46 7.69 3.03 19.28
C GLU A 46 8.84 2.03 19.28
N PRO A 47 8.64 0.90 19.96
CA PRO A 47 9.61 -0.22 20.04
C PRO A 47 9.67 -1.08 18.79
N ARG A 48 10.88 -1.26 18.26
CA ARG A 48 11.09 -2.12 17.10
C ARG A 48 11.91 -3.38 17.44
N ALA A 49 12.30 -3.51 18.70
CA ALA A 49 12.94 -4.72 19.20
C ALA A 49 12.23 -5.17 20.47
N PRO A 50 12.25 -6.48 20.77
CA PRO A 50 11.52 -7.06 21.90
C PRO A 50 11.99 -6.60 23.27
N TRP A 51 13.29 -6.48 23.43
CA TRP A 51 13.91 -6.18 24.72
C TRP A 51 13.76 -4.73 25.15
N ILE A 52 13.28 -3.87 24.25
CA ILE A 52 13.06 -2.48 24.59
C ILE A 52 11.62 -2.24 25.04
N GLU A 53 10.78 -3.22 24.78
CA GLU A 53 9.36 -3.12 25.10
C GLU A 53 9.10 -3.23 26.61
N GLN A 54 10.12 -3.65 27.35
CA GLN A 54 10.04 -3.82 28.80
C GLN A 54 9.88 -2.49 29.54
N GLU A 55 10.41 -1.42 28.96
CA GLU A 55 10.45 -0.11 29.60
C GLU A 55 9.04 0.42 29.89
N GLY A 56 8.90 1.12 31.00
CA GLY A 56 7.62 1.64 31.45
C GLY A 56 7.15 2.90 30.73
N PRO A 57 5.94 3.37 31.06
CA PRO A 57 5.30 4.54 30.45
C PRO A 57 6.11 5.83 30.50
N GLU A 58 6.77 6.09 31.63
CA GLU A 58 7.55 7.31 31.80
C GLU A 58 8.70 7.35 30.80
N TYR A 59 9.13 6.17 30.38
CA TYR A 59 10.20 6.04 29.40
C TYR A 59 9.72 6.46 28.02
N TRP A 60 8.60 5.88 27.60
CA TRP A 60 8.02 6.15 26.29
C TRP A 60 7.45 7.56 26.23
N ASP A 61 7.01 8.05 27.38
CA ASP A 61 6.53 9.43 27.50
C ASP A 61 7.69 10.42 27.33
N ARG A 62 8.79 10.16 28.01
CA ARG A 62 9.96 11.04 27.95
CA ARG A 62 9.97 11.04 27.95
C ARG A 62 10.60 11.01 26.57
N GLU A 63 10.71 9.82 25.99
CA GLU A 63 11.29 9.63 24.66
C GLU A 63 10.50 10.36 23.57
N THR A 64 9.19 10.21 23.62
CA THR A 64 8.29 10.87 22.66
C THR A 64 8.37 12.39 22.78
N GLN A 65 8.53 12.88 24.00
CA GLN A 65 8.70 14.31 24.24
C GLN A 65 10.00 14.80 23.64
N ILE A 66 11.05 14.00 23.77
CA ILE A 66 12.35 14.32 23.21
C ILE A 66 12.31 14.35 21.68
N CYS A 67 11.66 13.35 21.09
CA CYS A 67 11.54 13.27 19.63
C CYS A 67 10.75 14.44 19.08
N LYS A 68 9.66 14.79 19.73
CA LYS A 68 8.87 15.96 19.33
C LYS A 68 9.70 17.23 19.49
N ALA A 69 10.47 17.28 20.58
CA ALA A 69 11.33 18.43 20.86
C ALA A 69 12.42 18.59 19.81
N LYS A 70 13.01 17.48 19.40
CA LYS A 70 14.06 17.51 18.37
C LYS A 70 13.53 17.99 17.03
N ALA A 71 12.32 17.55 16.68
CA ALA A 71 11.69 17.96 15.43
C ALA A 71 11.57 19.47 15.39
N GLN A 72 11.13 20.07 16.50
CA GLN A 72 10.95 21.50 16.58
C GLN A 72 12.28 22.26 16.49
N THR A 73 13.32 21.73 17.15
CA THR A 73 14.62 22.37 17.06
C THR A 73 15.12 22.30 15.62
N ASP A 74 14.79 21.20 14.93
CA ASP A 74 15.18 21.04 13.53
C ASP A 74 14.54 22.08 12.63
N ARG A 75 13.41 22.62 13.05
N ARG A 75 13.34 22.51 12.97
CA ARG A 75 12.67 23.57 12.24
CA ARG A 75 12.69 23.57 12.20
C ARG A 75 13.34 24.93 12.42
C ARG A 75 13.44 24.88 12.41
N GLU A 76 13.72 25.19 13.67
CA GLU A 76 14.46 26.39 14.04
C GLU A 76 15.83 26.41 13.37
N ASP A 77 16.48 25.26 13.38
CA ASP A 77 17.82 25.09 12.79
C ASP A 77 17.83 25.13 11.28
N LEU A 78 16.78 24.59 10.65
CA LEU A 78 16.67 24.62 9.19
C LEU A 78 16.57 26.07 8.70
N ARG A 79 15.73 26.85 9.38
CA ARG A 79 15.55 28.25 9.03
C ARG A 79 16.84 29.03 9.19
N THR A 80 17.58 28.72 10.24
CA THR A 80 18.85 29.38 10.51
C THR A 80 19.85 29.11 9.41
N LEU A 81 19.94 27.86 8.96
CA LEU A 81 20.87 27.48 7.90
C LEU A 81 20.53 28.15 6.57
N LEU A 82 19.25 28.47 6.39
CA LEU A 82 18.84 29.23 5.21
C LEU A 82 19.50 30.60 5.19
N ARG A 83 19.44 31.29 6.33
N ARG A 83 19.45 31.29 6.33
CA ARG A 83 20.02 32.62 6.44
CA ARG A 83 20.02 32.63 6.44
C ARG A 83 21.55 32.61 6.40
C ARG A 83 21.55 32.61 6.40
N TYR A 84 22.14 31.53 6.90
CA TYR A 84 23.59 31.39 6.89
C TYR A 84 24.10 31.31 5.47
N TYR A 85 23.43 30.47 4.68
CA TYR A 85 23.83 30.21 3.30
C TYR A 85 23.12 31.07 2.28
N ASN A 86 22.27 31.98 2.75
CA ASN A 86 21.53 32.87 1.87
C ASN A 86 20.78 32.08 0.81
N GLN A 87 20.18 30.98 1.26
CA GLN A 87 19.42 30.12 0.37
C GLN A 87 17.96 30.53 0.29
N SER A 88 17.30 30.08 -0.77
CA SER A 88 15.91 30.42 -1.04
C SER A 88 14.95 29.54 -0.25
N GLU A 89 13.79 30.11 0.08
CA GLU A 89 12.72 29.38 0.76
C GLU A 89 12.04 28.35 -0.14
N ALA A 90 12.14 28.57 -1.46
CA ALA A 90 11.57 27.69 -2.47
C ALA A 90 12.22 26.31 -2.50
N GLY A 91 13.49 26.25 -2.13
CA GLY A 91 14.25 25.00 -2.13
C GLY A 91 14.08 24.13 -0.89
N SER A 92 14.08 22.82 -1.09
CA SER A 92 14.00 21.87 0.01
C SER A 92 15.39 21.49 0.49
N HIS A 93 15.56 21.43 1.80
CA HIS A 93 16.85 21.12 2.38
C HIS A 93 16.75 20.01 3.42
N THR A 94 17.86 19.33 3.64
CA THR A 94 17.95 18.20 4.54
C THR A 94 18.92 18.47 5.69
N LEU A 95 18.50 18.12 6.89
CA LEU A 95 19.34 18.18 8.07
C LEU A 95 19.43 16.79 8.72
N GLN A 96 20.65 16.33 9.03
CA GLN A 96 20.87 14.96 9.47
C GLN A 96 21.72 14.90 10.75
N ASN A 97 21.22 14.19 11.76
CA ASN A 97 21.93 14.11 13.04
C ASN A 97 22.18 12.70 13.56
N MET A 98 23.40 12.48 14.01
CA MET A 98 23.79 11.21 14.60
CA MET A 98 23.75 11.22 14.63
C MET A 98 24.64 11.45 15.83
N TYR A 99 24.32 10.76 16.92
CA TYR A 99 25.13 10.79 18.13
C TYR A 99 25.01 9.40 18.73
N GLY A 100 26.07 8.93 19.38
CA GLY A 100 26.08 7.60 19.96
C GLY A 100 27.31 7.37 20.79
N CYS A 101 27.45 6.16 21.32
CA CYS A 101 28.65 5.79 22.05
C CYS A 101 29.08 4.38 21.69
N ASP A 102 30.39 4.12 21.72
CA ASP A 102 30.91 2.77 21.55
C ASP A 102 31.54 2.30 22.86
N VAL A 103 31.22 1.09 23.28
CA VAL A 103 31.78 0.52 24.50
C VAL A 103 32.64 -0.68 24.17
N GLY A 104 33.52 -1.05 25.10
CA GLY A 104 34.34 -2.23 24.91
C GLY A 104 33.68 -3.41 25.60
N PRO A 105 34.38 -4.56 25.62
CA PRO A 105 33.89 -5.76 26.31
C PRO A 105 33.70 -5.52 27.80
N ASP A 106 34.53 -4.65 28.37
CA ASP A 106 34.47 -4.32 29.77
C ASP A 106 33.35 -3.32 30.09
N GLY A 107 32.59 -2.94 29.07
CA GLY A 107 31.48 -2.02 29.28
C GLY A 107 31.97 -0.60 29.47
N ARG A 108 33.23 -0.36 29.14
CA ARG A 108 33.82 0.98 29.24
C ARG A 108 33.72 1.72 27.92
N LEU A 109 33.52 3.03 27.98
CA LEU A 109 33.38 3.86 26.79
C LEU A 109 34.66 3.92 25.94
N LEU A 110 34.58 3.44 24.71
CA LEU A 110 35.68 3.62 23.77
C LEU A 110 35.66 5.06 23.22
N ARG A 111 34.61 5.42 22.49
CA ARG A 111 34.46 6.83 22.07
C ARG A 111 32.99 7.27 21.98
N GLY A 112 32.79 8.59 21.92
CA GLY A 112 31.47 9.18 21.85
C GLY A 112 31.32 9.95 20.55
N TYR A 113 30.08 10.05 20.08
CA TYR A 113 29.80 10.57 18.74
C TYR A 113 28.72 11.66 18.75
N HIS A 114 28.94 12.72 17.96
CA HIS A 114 27.87 13.66 17.65
C HIS A 114 28.13 14.46 16.37
N GLN A 115 27.47 14.11 15.27
CA GLN A 115 27.74 14.72 13.97
C GLN A 115 26.50 15.30 13.32
N ASP A 116 26.67 16.39 12.57
CA ASP A 116 25.54 16.98 11.87
C ASP A 116 25.89 17.25 10.42
N ALA A 117 24.95 16.96 9.54
CA ALA A 117 25.15 17.14 8.11
C ALA A 117 24.05 18.02 7.54
N TYR A 118 24.42 18.89 6.61
CA TYR A 118 23.47 19.76 5.93
C TYR A 118 23.48 19.46 4.43
N ASP A 119 22.33 19.07 3.88
CA ASP A 119 22.25 18.72 2.47
C ASP A 119 23.27 17.63 2.11
N GLY A 120 23.41 16.66 3.02
CA GLY A 120 24.20 15.47 2.74
C GLY A 120 25.69 15.60 2.96
N LYS A 121 26.13 16.79 3.35
CA LYS A 121 27.56 17.02 3.61
C LYS A 121 27.81 17.28 5.09
N ASP A 122 29.00 16.95 5.56
CA ASP A 122 29.36 17.18 6.96
C ASP A 122 29.27 18.65 7.31
N TYR A 123 28.61 18.93 8.42
CA TYR A 123 28.49 20.30 8.90
C TYR A 123 29.38 20.57 10.12
N ILE A 124 29.05 19.98 11.26
CA ILE A 124 29.89 20.12 12.44
C ILE A 124 29.90 18.81 13.24
N ALA A 125 31.07 18.41 13.70
CA ALA A 125 31.24 17.13 14.36
C ALA A 125 32.02 17.28 15.67
N LEU A 126 31.55 16.59 16.70
CA LEU A 126 32.22 16.57 18.00
C LEU A 126 33.44 15.68 17.94
N ASN A 127 34.57 16.19 18.40
CA ASN A 127 35.81 15.42 18.32
C ASN A 127 35.87 14.33 19.38
N GLU A 128 36.83 13.43 19.23
CA GLU A 128 36.95 12.24 20.06
C GLU A 128 37.29 12.54 21.52
N ASP A 129 37.81 13.74 21.79
CA ASP A 129 38.13 14.11 23.16
C ASP A 129 36.87 14.58 23.88
N LEU A 130 35.80 14.73 23.12
CA LEU A 130 34.51 15.16 23.67
C LEU A 130 34.59 16.55 24.26
N SER A 131 35.60 17.31 23.86
CA SER A 131 35.78 18.68 24.33
C SER A 131 36.15 19.67 23.21
N SER A 132 36.07 19.22 21.95
CA SER A 132 36.37 20.10 20.81
C SER A 132 35.42 19.85 19.63
N TRP A 133 35.34 20.81 18.72
CA TRP A 133 34.47 20.68 17.55
C TRP A 133 35.25 20.82 16.23
N THR A 134 34.77 20.12 15.21
CA THR A 134 35.28 20.24 13.85
C THR A 134 34.20 20.84 12.96
N ALA A 135 34.46 22.02 12.40
CA ALA A 135 33.49 22.72 11.57
C ALA A 135 33.87 22.67 10.10
N ALA A 136 32.88 22.43 9.23
CA ALA A 136 33.14 22.29 7.81
C ALA A 136 33.45 23.60 7.10
N ASP A 137 32.72 24.64 7.45
CA ASP A 137 32.88 25.94 6.81
C ASP A 137 32.68 27.10 7.78
N THR A 138 32.64 28.32 7.25
CA THR A 138 32.46 29.50 8.08
C THR A 138 31.10 29.49 8.76
N ALA A 139 30.09 28.90 8.12
CA ALA A 139 28.77 28.75 8.72
C ALA A 139 28.79 27.82 9.94
N ALA A 140 29.48 26.69 9.82
CA ALA A 140 29.61 25.74 10.93
C ALA A 140 30.47 26.33 12.04
N GLN A 141 31.41 27.19 11.65
CA GLN A 141 32.27 27.91 12.59
C GLN A 141 31.47 28.95 13.38
N ILE A 142 30.42 29.48 12.77
CA ILE A 142 29.51 30.37 13.48
C ILE A 142 28.79 29.59 14.55
N THR A 143 28.31 28.41 14.16
CA THR A 143 27.63 27.52 15.09
C THR A 143 28.59 27.06 16.19
N GLN A 144 29.84 26.81 15.82
CA GLN A 144 30.87 26.34 16.77
C GLN A 144 31.06 27.35 17.89
N ARG A 145 31.02 28.63 17.54
CA ARG A 145 31.18 29.69 18.53
C ARG A 145 30.00 29.68 19.50
N LYS A 146 28.79 29.54 18.96
CA LYS A 146 27.59 29.50 19.79
C LYS A 146 27.60 28.30 20.74
N TRP A 147 27.92 27.13 20.20
CA TRP A 147 27.89 25.90 20.97
C TRP A 147 28.97 25.82 22.05
N GLU A 148 30.09 26.47 21.78
CA GLU A 148 31.15 26.59 22.78
C GLU A 148 30.69 27.47 23.93
N ALA A 149 30.03 28.57 23.59
CA ALA A 149 29.53 29.51 24.58
C ALA A 149 28.39 28.89 25.38
N ALA A 150 27.67 27.97 24.74
CA ALA A 150 26.54 27.31 25.37
C ALA A 150 26.96 26.00 26.02
N ARG A 151 28.25 25.68 25.93
CA ARG A 151 28.83 24.47 26.51
C ARG A 151 28.16 23.19 26.05
N VAL A 152 27.77 23.13 24.78
CA VAL A 152 27.08 21.96 24.26
C VAL A 152 27.99 20.74 24.31
N ALA A 153 29.28 20.96 24.10
CA ALA A 153 30.25 19.89 24.16
C ALA A 153 30.31 19.29 25.56
N GLU A 154 30.24 20.14 26.59
CA GLU A 154 30.24 19.65 27.96
C GLU A 154 28.95 18.93 28.31
N GLN A 155 27.86 19.37 27.68
CA GLN A 155 26.56 18.72 27.81
C GLN A 155 26.65 17.30 27.28
N LEU A 156 27.15 17.18 26.06
CA LEU A 156 27.27 15.90 25.39
C LEU A 156 28.25 14.98 26.08
N ARG A 157 29.38 15.53 26.53
CA ARG A 157 30.38 14.72 27.20
C ARG A 157 29.82 14.04 28.44
N ALA A 158 28.97 14.77 29.18
CA ALA A 158 28.34 14.24 30.38
C ALA A 158 27.42 13.08 30.03
N TYR A 159 26.65 13.24 28.97
CA TYR A 159 25.73 12.23 28.51
C TYR A 159 26.45 11.00 27.96
N LEU A 160 27.42 11.26 27.08
CA LEU A 160 28.16 10.18 26.43
C LEU A 160 28.91 9.31 27.42
N GLU A 161 29.60 9.95 28.34
CA GLU A 161 30.38 9.25 29.36
C GLU A 161 29.51 8.58 30.41
N GLY A 162 28.29 9.08 30.56
CA GLY A 162 27.46 8.55 31.62
C GLY A 162 26.23 7.83 31.15
N GLU A 163 25.15 8.58 30.95
CA GLU A 163 23.84 8.01 30.66
C GLU A 163 23.80 7.16 29.40
N CYS A 164 24.66 7.47 28.43
CA CYS A 164 24.70 6.68 27.22
C CYS A 164 25.18 5.28 27.53
N VAL A 165 26.31 5.20 28.21
CA VAL A 165 26.95 3.94 28.48
C VAL A 165 26.12 3.08 29.42
N GLU A 166 25.52 3.70 30.44
CA GLU A 166 24.71 2.97 31.39
C GLU A 166 23.56 2.24 30.71
N TRP A 167 22.75 3.01 29.97
CA TRP A 167 21.57 2.46 29.33
C TRP A 167 21.92 1.47 28.22
N LEU A 168 23.03 1.71 27.55
CA LEU A 168 23.49 0.76 26.54
C LEU A 168 23.76 -0.60 27.20
N ARG A 169 24.45 -0.57 28.34
CA ARG A 169 24.75 -1.78 29.09
C ARG A 169 23.48 -2.44 29.60
N ARG A 170 22.48 -1.62 29.92
CA ARG A 170 21.17 -2.14 30.29
C ARG A 170 20.47 -2.86 29.14
N TYR A 171 20.46 -2.23 27.97
CA TYR A 171 19.83 -2.80 26.79
C TYR A 171 20.55 -4.07 26.38
N LEU A 172 21.88 -4.01 26.43
CA LEU A 172 22.72 -5.15 26.13
C LEU A 172 22.36 -6.33 27.02
N GLU A 173 22.17 -6.05 28.31
CA GLU A 173 21.81 -7.08 29.27
C GLU A 173 20.39 -7.59 29.03
N ASN A 174 19.45 -6.68 28.84
CA ASN A 174 18.05 -7.07 28.69
C ASN A 174 17.80 -7.94 27.47
N GLY A 175 18.52 -7.67 26.39
CA GLY A 175 18.37 -8.45 25.17
C GLY A 175 19.62 -9.24 24.86
N LYS A 176 20.31 -9.66 25.91
CA LYS A 176 21.59 -10.38 25.79
C LYS A 176 21.48 -11.64 24.95
N GLU A 177 20.29 -12.23 24.92
CA GLU A 177 20.07 -13.44 24.13
C GLU A 177 20.31 -13.17 22.64
N THR A 178 19.73 -12.09 22.13
CA THR A 178 19.86 -11.77 20.72
C THR A 178 21.06 -10.87 20.44
N LEU A 179 21.28 -9.88 21.30
CA LEU A 179 22.32 -8.87 21.07
C LEU A 179 23.72 -9.45 21.11
N GLN A 180 24.04 -10.16 22.18
CA GLN A 180 25.38 -10.74 22.36
C GLN A 180 25.66 -11.91 21.42
N ARG A 181 24.65 -12.73 21.16
CA ARG A 181 24.80 -13.89 20.28
C ARG A 181 25.02 -13.52 18.82
N ALA A 182 26.00 -14.15 18.18
CA ALA A 182 26.29 -13.87 16.78
C ALA A 182 25.92 -15.06 15.89
N ASP A 183 25.08 -14.80 14.90
CA ASP A 183 24.64 -15.83 13.95
C ASP A 183 25.62 -16.00 12.81
N PRO A 184 26.20 -17.20 12.68
CA PRO A 184 27.11 -17.47 11.58
C PRO A 184 26.35 -17.51 10.27
N PRO A 185 27.03 -17.19 9.17
CA PRO A 185 26.39 -17.20 7.86
C PRO A 185 26.24 -18.60 7.30
N LYS A 186 25.06 -18.90 6.77
CA LYS A 186 24.86 -20.13 6.01
C LYS A 186 25.46 -19.90 4.64
N THR A 187 26.44 -20.73 4.27
CA THR A 187 27.22 -20.48 3.07
C THR A 187 27.19 -21.60 2.03
N HIS A 188 27.03 -21.22 0.77
CA HIS A 188 27.15 -22.18 -0.32
C HIS A 188 27.66 -21.49 -1.59
N VAL A 189 28.16 -22.28 -2.52
CA VAL A 189 28.66 -21.75 -3.78
C VAL A 189 27.80 -22.26 -4.92
N THR A 190 27.34 -21.35 -5.77
CA THR A 190 26.46 -21.74 -6.86
C THR A 190 27.18 -21.58 -8.20
N HIS A 191 26.66 -22.26 -9.21
CA HIS A 191 27.29 -22.30 -10.53
C HIS A 191 26.30 -21.82 -11.57
N HIS A 192 26.74 -20.87 -12.39
CA HIS A 192 25.84 -20.27 -13.36
C HIS A 192 26.55 -20.14 -14.70
N PRO A 193 26.21 -21.03 -15.64
CA PRO A 193 26.83 -21.05 -16.98
C PRO A 193 26.35 -19.89 -17.85
N ILE A 194 27.27 -18.98 -18.15
CA ILE A 194 27.01 -17.85 -19.04
C ILE A 194 26.92 -18.23 -20.51
N SER A 195 27.96 -18.93 -20.98
CA SER A 195 28.09 -19.44 -22.34
C SER A 195 28.54 -20.89 -22.26
N ASP A 196 28.85 -21.50 -23.41
CA ASP A 196 29.40 -22.86 -23.41
C ASP A 196 30.79 -22.86 -22.78
N HIS A 197 31.50 -21.75 -22.99
CA HIS A 197 32.89 -21.60 -22.56
C HIS A 197 33.07 -20.91 -21.19
N GLU A 198 32.07 -20.15 -20.76
CA GLU A 198 32.15 -19.43 -19.49
C GLU A 198 31.01 -19.72 -18.54
N ALA A 199 31.31 -19.72 -17.24
CA ALA A 199 30.33 -19.90 -16.18
C ALA A 199 30.55 -18.86 -15.08
N THR A 200 29.51 -18.60 -14.29
CA THR A 200 29.60 -17.67 -13.17
C THR A 200 29.53 -18.39 -11.84
N LEU A 201 30.45 -18.07 -10.94
CA LEU A 201 30.43 -18.63 -9.59
C LEU A 201 29.98 -17.58 -8.58
N ARG A 202 28.99 -17.92 -7.78
CA ARG A 202 28.49 -17.00 -6.76
C ARG A 202 28.61 -17.60 -5.36
N CYS A 203 29.24 -16.85 -4.46
CA CYS A 203 29.43 -17.31 -3.09
C CYS A 203 28.45 -16.63 -2.15
N TRP A 204 27.71 -17.44 -1.39
CA TRP A 204 26.62 -16.92 -0.59
C TRP A 204 26.87 -16.97 0.91
N ALA A 205 26.53 -15.88 1.56
CA ALA A 205 26.48 -15.81 3.01
C ALA A 205 25.08 -15.33 3.39
N LEU A 206 24.32 -16.19 4.05
CA LEU A 206 22.93 -15.86 4.36
C LEU A 206 22.61 -15.98 5.85
N GLY A 207 21.68 -15.13 6.30
CA GLY A 207 21.20 -15.11 7.67
C GLY A 207 22.26 -14.97 8.76
N PHE A 208 23.11 -13.96 8.65
CA PHE A 208 24.17 -13.73 9.63
C PHE A 208 23.98 -12.41 10.39
N TYR A 209 24.61 -12.32 11.56
CA TYR A 209 24.57 -11.13 12.41
C TYR A 209 25.80 -11.05 13.30
N PRO A 210 26.42 -9.87 13.37
CA PRO A 210 25.94 -8.63 12.75
C PRO A 210 26.29 -8.53 11.27
N ALA A 211 26.09 -7.37 10.67
CA ALA A 211 26.30 -7.15 9.25
C ALA A 211 27.76 -7.31 8.85
N GLU A 212 28.66 -7.01 9.77
CA GLU A 212 30.09 -7.09 9.54
C GLU A 212 30.52 -8.47 9.02
N ILE A 213 30.92 -8.52 7.74
CA ILE A 213 31.40 -9.77 7.14
C ILE A 213 32.37 -9.48 5.99
N THR A 214 33.15 -10.50 5.63
CA THR A 214 34.09 -10.41 4.50
C THR A 214 33.96 -11.61 3.55
N LEU A 215 33.64 -11.33 2.30
CA LEU A 215 33.57 -12.37 1.25
C LEU A 215 34.61 -12.11 0.16
N THR A 216 35.46 -13.09 -0.09
CA THR A 216 36.49 -12.94 -1.13
C THR A 216 36.59 -14.17 -2.04
N TRP A 217 36.90 -13.93 -3.31
CA TRP A 217 37.18 -14.98 -4.27
C TRP A 217 38.66 -15.07 -4.55
N GLN A 218 39.19 -16.29 -4.55
CA GLN A 218 40.60 -16.48 -4.85
C GLN A 218 40.83 -17.46 -6.01
N ARG A 219 41.69 -17.05 -6.95
CA ARG A 219 42.10 -17.87 -8.08
C ARG A 219 43.50 -18.46 -7.87
N ASP A 220 43.56 -19.74 -7.58
CA ASP A 220 44.83 -20.41 -7.29
C ASP A 220 45.56 -19.76 -6.13
N GLY A 221 44.81 -19.48 -5.07
CA GLY A 221 45.36 -18.88 -3.86
C GLY A 221 45.64 -17.41 -4.07
N GLU A 222 45.27 -16.90 -5.22
CA GLU A 222 45.52 -15.50 -5.55
C GLU A 222 44.22 -14.72 -5.52
N ASP A 223 44.32 -13.44 -5.17
CA ASP A 223 43.15 -12.63 -4.94
C ASP A 223 42.60 -12.01 -6.23
N GLN A 224 41.28 -11.97 -6.33
CA GLN A 224 40.57 -11.57 -7.55
C GLN A 224 39.72 -10.33 -7.34
N THR A 225 40.20 -9.37 -6.56
CA THR A 225 39.42 -8.17 -6.26
C THR A 225 38.97 -7.44 -7.52
N GLN A 226 39.85 -7.39 -8.51
CA GLN A 226 39.56 -6.67 -9.74
C GLN A 226 38.36 -7.28 -10.47
N ASP A 227 38.30 -8.60 -10.49
CA ASP A 227 37.26 -9.30 -11.24
C ASP A 227 36.28 -10.01 -10.34
N THR A 228 35.92 -9.36 -9.23
CA THR A 228 34.89 -9.88 -8.35
C THR A 228 33.73 -8.90 -8.23
N GLU A 229 32.53 -9.41 -8.48
CA GLU A 229 31.30 -8.65 -8.29
C GLU A 229 30.85 -8.83 -6.85
N LEU A 230 31.05 -7.81 -6.05
CA LEU A 230 30.75 -7.88 -4.64
C LEU A 230 29.59 -6.95 -4.27
N VAL A 231 28.41 -7.52 -4.03
CA VAL A 231 27.25 -6.71 -3.68
C VAL A 231 27.32 -6.21 -2.23
N GLU A 232 26.65 -5.09 -1.98
CA GLU A 232 26.57 -4.54 -0.63
C GLU A 232 25.79 -5.47 0.30
N THR A 233 26.16 -5.49 1.58
CA THR A 233 25.43 -6.29 2.56
C THR A 233 23.98 -5.79 2.66
N ARG A 234 23.05 -6.72 2.56
CA ARG A 234 21.64 -6.37 2.55
C ARG A 234 20.91 -7.04 3.69
N PRO A 235 19.91 -6.35 4.25
CA PRO A 235 19.07 -6.93 5.30
C PRO A 235 18.09 -7.94 4.73
N ALA A 236 17.97 -9.09 5.38
CA ALA A 236 17.07 -10.13 4.94
C ALA A 236 15.63 -9.75 5.26
N GLY A 237 15.46 -8.83 6.21
CA GLY A 237 14.13 -8.42 6.62
C GLY A 237 13.73 -8.95 7.99
N ASP A 238 14.56 -9.83 8.55
CA ASP A 238 14.31 -10.37 9.88
C ASP A 238 15.47 -10.09 10.85
N ARG A 239 16.02 -8.88 10.76
CA ARG A 239 17.17 -8.46 11.55
C ARG A 239 18.47 -9.20 11.19
N THR A 240 18.46 -9.92 10.07
CA THR A 240 19.65 -10.65 9.62
C THR A 240 20.12 -10.07 8.30
N PHE A 241 21.31 -10.46 7.86
CA PHE A 241 21.89 -9.86 6.65
C PHE A 241 22.30 -10.88 5.62
N GLN A 242 22.39 -10.43 4.38
CA GLN A 242 22.77 -11.27 3.26
C GLN A 242 23.83 -10.57 2.41
N LYS A 243 24.67 -11.36 1.76
CA LYS A 243 25.73 -10.81 0.93
C LYS A 243 26.25 -11.90 -0.01
N TRP A 244 26.53 -11.56 -1.26
CA TRP A 244 27.17 -12.55 -2.14
C TRP A 244 28.31 -11.95 -2.94
N ALA A 245 29.26 -12.82 -3.28
CA ALA A 245 30.40 -12.47 -4.09
C ALA A 245 30.45 -13.41 -5.30
N ALA A 246 30.57 -12.84 -6.49
CA ALA A 246 30.50 -13.62 -7.71
C ALA A 246 31.71 -13.42 -8.62
N VAL A 247 32.15 -14.50 -9.24
CA VAL A 247 33.24 -14.43 -10.20
C VAL A 247 32.86 -15.18 -11.47
N VAL A 248 33.39 -14.74 -12.61
CA VAL A 248 33.15 -15.45 -13.85
C VAL A 248 34.39 -16.27 -14.15
N VAL A 249 34.20 -17.54 -14.48
CA VAL A 249 35.33 -18.41 -14.74
C VAL A 249 35.12 -19.21 -16.02
N PRO A 250 36.20 -19.73 -16.59
CA PRO A 250 36.08 -20.57 -17.79
C PRO A 250 35.55 -21.94 -17.42
N SER A 251 34.76 -22.53 -18.30
CA SER A 251 34.13 -23.81 -18.04
C SER A 251 35.18 -24.88 -17.82
N GLY A 252 35.04 -25.63 -16.72
CA GLY A 252 35.96 -26.71 -16.40
C GLY A 252 37.10 -26.29 -15.48
N GLU A 253 37.13 -25.02 -15.10
CA GLU A 253 38.22 -24.53 -14.26
C GLU A 253 37.70 -24.03 -12.92
N GLU A 254 36.63 -24.64 -12.43
CA GLU A 254 36.03 -24.19 -11.18
C GLU A 254 36.91 -24.48 -9.98
N GLN A 255 37.69 -25.56 -10.06
CA GLN A 255 38.51 -25.99 -8.94
C GLN A 255 39.60 -24.99 -8.63
N ARG A 256 39.88 -24.09 -9.56
CA ARG A 256 40.93 -23.10 -9.35
C ARG A 256 40.47 -22.00 -8.40
N TYR A 257 39.15 -21.84 -8.31
CA TYR A 257 38.55 -20.75 -7.57
C TYR A 257 38.04 -21.17 -6.20
N THR A 258 38.39 -20.39 -5.18
CA THR A 258 37.95 -20.65 -3.82
C THR A 258 37.31 -19.41 -3.21
N CYS A 259 36.30 -19.60 -2.37
CA CYS A 259 35.63 -18.48 -1.72
C CYS A 259 35.95 -18.46 -0.22
N HIS A 260 36.43 -17.31 0.25
CA HIS A 260 36.83 -17.19 1.65
C HIS A 260 35.87 -16.32 2.45
N VAL A 261 35.33 -16.87 3.52
CA VAL A 261 34.31 -16.18 4.32
C VAL A 261 34.75 -15.94 5.76
N GLN A 262 34.82 -14.67 6.15
CA GLN A 262 35.23 -14.30 7.49
C GLN A 262 34.14 -13.52 8.22
N HIS A 263 33.55 -14.14 9.24
CA HIS A 263 32.50 -13.54 10.06
C HIS A 263 32.77 -13.76 11.54
N GLU A 264 32.16 -12.92 12.36
CA GLU A 264 32.29 -12.98 13.82
C GLU A 264 31.73 -14.28 14.40
N GLY A 265 30.60 -14.73 13.86
CA GLY A 265 29.93 -15.92 14.33
C GLY A 265 30.68 -17.21 14.07
N LEU A 266 31.59 -17.16 13.10
CA LEU A 266 32.41 -18.32 12.75
C LEU A 266 33.63 -18.48 13.65
N PRO A 267 33.87 -19.70 14.13
CA PRO A 267 35.04 -19.97 14.97
C PRO A 267 36.33 -19.78 14.17
N LYS A 268 36.28 -20.10 12.89
CA LYS A 268 37.42 -19.91 12.01
C LYS A 268 36.93 -19.57 10.62
N PRO A 269 37.74 -18.80 9.87
CA PRO A 269 37.44 -18.39 8.49
C PRO A 269 37.17 -19.61 7.61
N LEU A 270 36.23 -19.48 6.69
CA LEU A 270 35.85 -20.59 5.83
C LEU A 270 36.45 -20.49 4.44
N THR A 271 36.71 -21.64 3.84
CA THR A 271 37.15 -21.71 2.46
C THR A 271 36.22 -22.64 1.69
N LEU A 272 35.60 -22.11 0.64
CA LEU A 272 34.58 -22.84 -0.11
C LEU A 272 34.95 -23.02 -1.58
N ARG A 273 34.49 -24.13 -2.15
CA ARG A 273 34.67 -24.42 -3.57
C ARG A 273 33.35 -24.94 -4.11
N TRP A 274 33.13 -24.81 -5.40
CA TRP A 274 31.92 -25.35 -6.00
C TRP A 274 32.00 -26.87 -5.95
N GLU A 275 30.92 -27.51 -5.53
CA GLU A 275 30.89 -28.96 -5.41
C GLU A 275 29.78 -29.57 -6.27
N ILE B 1 24.83 17.62 -1.67
CA ILE B 1 25.13 16.71 -2.75
C ILE B 1 23.96 15.78 -3.02
N GLN B 2 23.96 15.19 -4.21
CA GLN B 2 22.96 14.23 -4.62
C GLN B 2 23.64 12.96 -5.08
N ARG B 3 23.14 11.82 -4.61
CA ARG B 3 23.67 10.53 -5.00
C ARG B 3 22.53 9.64 -5.50
N THR B 4 22.80 8.82 -6.51
CA THR B 4 21.78 7.91 -7.05
C THR B 4 21.71 6.62 -6.24
N PRO B 5 20.48 6.15 -5.96
CA PRO B 5 20.35 4.95 -5.13
C PRO B 5 20.89 3.69 -5.78
N LYS B 6 21.48 2.82 -4.97
CA LYS B 6 21.83 1.47 -5.41
C LYS B 6 20.60 0.58 -5.20
N ILE B 7 20.31 -0.31 -6.13
CA ILE B 7 19.09 -1.10 -6.03
C ILE B 7 19.31 -2.62 -6.02
N GLN B 8 18.76 -3.28 -5.02
CA GLN B 8 18.82 -4.74 -4.93
C GLN B 8 17.41 -5.30 -4.74
N VAL B 9 16.98 -6.18 -5.63
CA VAL B 9 15.69 -6.86 -5.46
C VAL B 9 15.93 -8.37 -5.28
N TYR B 10 15.59 -8.85 -4.09
CA TYR B 10 15.89 -10.22 -3.68
C TYR B 10 14.79 -10.80 -2.79
N SER B 11 14.96 -12.04 -2.38
CA SER B 11 13.99 -12.69 -1.51
C SER B 11 14.61 -12.93 -0.14
N ARG B 12 13.79 -12.91 0.90
CA ARG B 12 14.29 -13.11 2.26
C ARG B 12 14.90 -14.48 2.38
N HIS B 13 14.14 -15.48 1.94
CA HIS B 13 14.60 -16.86 1.92
C HIS B 13 14.74 -17.33 0.48
N PRO B 14 15.50 -18.41 0.28
CA PRO B 14 15.72 -18.99 -1.04
C PRO B 14 14.42 -19.26 -1.78
N ALA B 15 14.41 -18.96 -3.07
CA ALA B 15 13.21 -19.08 -3.90
C ALA B 15 12.71 -20.51 -3.98
N GLU B 16 11.50 -20.73 -3.48
CA GLU B 16 10.85 -22.02 -3.59
C GLU B 16 9.49 -21.83 -4.26
N ASN B 17 9.29 -22.39 -5.44
CA ASN B 17 8.03 -22.19 -6.14
C ASN B 17 6.86 -22.71 -5.32
N GLY B 18 5.85 -21.86 -5.15
CA GLY B 18 4.64 -22.25 -4.46
C GLY B 18 4.72 -22.15 -2.95
N LYS B 19 5.79 -21.57 -2.44
CA LYS B 19 5.94 -21.43 -1.00
C LYS B 19 6.00 -19.96 -0.60
N SER B 20 5.34 -19.60 0.50
CA SER B 20 5.30 -18.22 0.96
C SER B 20 6.69 -17.73 1.31
N ASN B 21 6.98 -16.50 0.90
CA ASN B 21 8.30 -15.91 1.05
C ASN B 21 8.16 -14.40 1.24
N PHE B 22 9.27 -13.68 1.15
CA PHE B 22 9.26 -12.22 1.18
C PHE B 22 10.04 -11.66 0.01
N LEU B 23 9.44 -10.70 -0.68
CA LEU B 23 10.14 -10.02 -1.77
C LEU B 23 10.71 -8.71 -1.23
N ASN B 24 12.03 -8.57 -1.33
CA ASN B 24 12.71 -7.40 -0.81
C ASN B 24 13.30 -6.52 -1.92
N CYS B 25 13.11 -5.21 -1.82
CA CYS B 25 13.82 -4.26 -2.66
C CYS B 25 14.61 -3.28 -1.81
N TYR B 26 15.93 -3.43 -1.82
CA TYR B 26 16.79 -2.63 -1.00
C TYR B 26 17.40 -1.48 -1.78
N VAL B 27 16.99 -0.26 -1.44
CA VAL B 27 17.53 0.94 -2.05
C VAL B 27 18.49 1.63 -1.07
N SER B 28 19.71 1.91 -1.52
CA SER B 28 20.73 2.44 -0.62
C SER B 28 21.64 3.49 -1.24
N GLY B 29 22.35 4.21 -0.38
CA GLY B 29 23.34 5.19 -0.80
C GLY B 29 22.85 6.32 -1.70
N PHE B 30 21.69 6.89 -1.38
CA PHE B 30 21.11 7.95 -2.20
C PHE B 30 20.89 9.20 -1.38
N HIS B 31 20.78 10.32 -2.10
CA HIS B 31 20.59 11.64 -1.52
C HIS B 31 20.09 12.58 -2.62
N PRO B 32 19.05 13.38 -2.33
CA PRO B 32 18.37 13.47 -1.03
C PRO B 32 17.47 12.26 -0.71
N SER B 33 16.74 12.36 0.39
CA SER B 33 15.94 11.26 0.92
C SER B 33 14.72 10.93 0.06
N ASP B 34 14.17 11.94 -0.61
CA ASP B 34 12.97 11.73 -1.41
C ASP B 34 13.19 10.71 -2.52
N ILE B 35 12.50 9.58 -2.38
CA ILE B 35 12.60 8.48 -3.34
C ILE B 35 11.25 7.79 -3.49
N GLU B 36 10.99 7.28 -4.68
CA GLU B 36 9.77 6.52 -4.93
C GLU B 36 10.06 5.08 -5.29
N VAL B 37 9.56 4.15 -4.47
CA VAL B 37 9.81 2.73 -4.70
C VAL B 37 8.55 1.90 -4.80
N ASP B 38 8.52 1.07 -5.84
CA ASP B 38 7.37 0.24 -6.15
C ASP B 38 7.83 -1.18 -6.41
N LEU B 39 7.04 -2.13 -5.93
CA LEU B 39 7.23 -3.54 -6.24
C LEU B 39 6.30 -3.86 -7.39
N LEU B 40 6.75 -4.68 -8.33
CA LEU B 40 5.91 -5.02 -9.47
C LEU B 40 5.72 -6.53 -9.63
N LYS B 41 4.46 -6.94 -9.83
CA LYS B 41 4.17 -8.33 -10.18
C LYS B 41 3.58 -8.40 -11.59
N ASN B 42 4.32 -9.01 -12.51
CA ASN B 42 3.88 -9.07 -13.89
C ASN B 42 3.61 -7.67 -14.43
N GLY B 43 4.40 -6.71 -13.99
CA GLY B 43 4.29 -5.35 -14.47
C GLY B 43 3.20 -4.56 -13.76
N GLU B 44 2.62 -5.14 -12.73
CA GLU B 44 1.58 -4.45 -11.98
C GLU B 44 2.12 -4.06 -10.62
N ARG B 45 1.81 -2.84 -10.21
CA ARG B 45 2.32 -2.34 -8.95
C ARG B 45 1.73 -3.20 -7.84
N ILE B 46 2.60 -3.78 -7.01
CA ILE B 46 2.15 -4.60 -5.91
C ILE B 46 1.47 -3.68 -4.90
N GLU B 47 0.41 -4.18 -4.27
N GLU B 47 0.40 -4.20 -4.32
CA GLU B 47 -0.49 -3.31 -3.53
CA GLU B 47 -0.55 -3.43 -3.54
C GLU B 47 -0.09 -3.21 -2.05
C GLU B 47 -0.12 -3.25 -2.09
N LYS B 48 0.20 -4.34 -1.43
CA LYS B 48 0.59 -4.33 -0.02
C LYS B 48 2.10 -4.28 0.15
N VAL B 49 2.66 -3.08 0.16
CA VAL B 49 4.10 -2.93 0.31
C VAL B 49 4.44 -2.18 1.58
N GLU B 50 5.40 -2.71 2.32
CA GLU B 50 5.89 -2.07 3.54
C GLU B 50 7.31 -1.55 3.30
N HIS B 51 7.72 -0.62 4.15
CA HIS B 51 9.08 -0.10 4.09
C HIS B 51 9.66 0.15 5.47
N SER B 52 10.98 0.11 5.53
CA SER B 52 11.71 0.40 6.74
C SER B 52 11.63 1.88 7.07
N ASP B 53 12.10 2.22 8.25
CA ASP B 53 12.16 3.60 8.68
C ASP B 53 13.39 4.24 8.02
N LEU B 54 13.32 5.52 7.68
CA LEU B 54 14.43 6.17 6.99
C LEU B 54 15.68 6.20 7.89
N SER B 55 16.79 5.69 7.35
CA SER B 55 18.08 5.73 8.02
C SER B 55 19.19 6.10 7.03
N PHE B 56 20.39 6.40 7.53
CA PHE B 56 21.51 6.71 6.65
C PHE B 56 22.81 6.08 7.13
N SER B 57 23.75 5.92 6.20
CA SER B 57 25.04 5.33 6.49
C SER B 57 26.04 6.36 7.01
N LYS B 58 27.28 5.94 7.19
CA LYS B 58 28.33 6.82 7.70
C LYS B 58 28.50 8.06 6.83
N ASP B 59 28.26 7.90 5.53
CA ASP B 59 28.40 9.02 4.60
C ASP B 59 27.12 9.82 4.41
N TRP B 60 26.19 9.70 5.35
CA TRP B 60 24.93 10.42 5.29
C TRP B 60 24.02 9.98 4.15
N SER B 61 24.45 9.00 3.37
CA SER B 61 23.61 8.48 2.30
C SER B 61 22.51 7.64 2.92
N PHE B 62 21.29 7.79 2.41
CA PHE B 62 20.15 7.06 2.96
C PHE B 62 20.02 5.63 2.45
N TYR B 63 19.30 4.82 3.24
CA TYR B 63 18.91 3.48 2.81
C TYR B 63 17.51 3.15 3.32
N LEU B 64 16.76 2.47 2.46
CA LEU B 64 15.42 1.99 2.76
C LEU B 64 15.24 0.57 2.31
N LEU B 65 14.34 -0.14 2.98
CA LEU B 65 13.97 -1.48 2.57
C LEU B 65 12.47 -1.51 2.31
N TYR B 66 12.10 -1.87 1.09
CA TYR B 66 10.70 -2.09 0.75
C TYR B 66 10.49 -3.58 0.63
N TYR B 67 9.51 -4.10 1.36
CA TYR B 67 9.25 -5.53 1.36
C TYR B 67 7.76 -5.82 1.23
N THR B 68 7.46 -7.02 0.78
CA THR B 68 6.09 -7.48 0.66
C THR B 68 6.08 -9.00 0.75
N GLU B 69 5.05 -9.56 1.36
N GLU B 69 5.02 -9.55 1.32
CA GLU B 69 4.88 -11.01 1.41
CA GLU B 69 4.85 -11.00 1.40
C GLU B 69 4.35 -11.52 0.07
C GLU B 69 4.34 -11.53 0.06
N PHE B 70 5.11 -12.38 -0.58
CA PHE B 70 4.72 -12.89 -1.88
C PHE B 70 4.97 -14.38 -1.97
N THR B 71 4.24 -15.06 -2.85
CA THR B 71 4.43 -16.48 -3.09
C THR B 71 4.97 -16.70 -4.49
N PRO B 72 6.27 -17.01 -4.58
CA PRO B 72 6.91 -17.17 -5.89
C PRO B 72 6.32 -18.31 -6.70
N THR B 73 6.10 -18.07 -7.99
CA THR B 73 5.70 -19.11 -8.91
C THR B 73 6.67 -19.11 -10.07
N GLU B 74 6.62 -20.16 -10.88
CA GLU B 74 7.51 -20.27 -12.03
C GLU B 74 7.17 -19.24 -13.11
N LYS B 75 5.88 -19.07 -13.35
N LYS B 75 5.88 -19.04 -13.33
CA LYS B 75 5.42 -18.17 -14.41
CA LYS B 75 5.42 -18.17 -14.41
C LYS B 75 5.49 -16.69 -14.03
C LYS B 75 5.47 -16.69 -14.03
N ASP B 76 5.09 -16.36 -12.80
CA ASP B 76 5.03 -14.95 -12.37
C ASP B 76 6.39 -14.27 -12.29
N GLU B 77 6.46 -13.05 -12.83
CA GLU B 77 7.69 -12.28 -12.84
C GLU B 77 7.59 -11.07 -11.94
N TYR B 78 8.63 -10.84 -11.15
CA TYR B 78 8.63 -9.76 -10.18
C TYR B 78 9.77 -8.76 -10.44
N ALA B 79 9.51 -7.49 -10.13
CA ALA B 79 10.49 -6.43 -10.32
C ALA B 79 10.28 -5.29 -9.32
N CYS B 80 11.27 -4.41 -9.25
CA CYS B 80 11.23 -3.23 -8.37
C CYS B 80 11.39 -1.94 -9.19
N ARG B 81 10.44 -1.02 -9.06
CA ARG B 81 10.48 0.24 -9.80
C ARG B 81 10.83 1.41 -8.88
N VAL B 82 12.03 1.95 -9.05
CA VAL B 82 12.51 3.04 -8.21
C VAL B 82 12.63 4.35 -8.95
N ASN B 83 12.05 5.40 -8.37
CA ASN B 83 12.17 6.74 -8.92
C ASN B 83 12.87 7.68 -7.95
N HIS B 84 13.90 8.35 -8.44
CA HIS B 84 14.68 9.29 -7.66
C HIS B 84 14.91 10.56 -8.47
N VAL B 85 15.35 11.63 -7.81
CA VAL B 85 15.63 12.88 -8.50
C VAL B 85 16.87 12.75 -9.39
N THR B 86 17.79 11.85 -9.05
CA THR B 86 19.01 11.61 -9.82
C THR B 86 18.77 10.75 -11.05
N LEU B 87 17.52 10.35 -11.26
CA LEU B 87 17.13 9.51 -12.38
C LEU B 87 16.23 10.24 -13.36
N SER B 88 16.64 10.26 -14.64
CA SER B 88 15.86 10.91 -15.70
C SER B 88 14.53 10.18 -15.89
N GLN B 89 14.57 8.87 -15.71
CA GLN B 89 13.36 8.06 -15.78
C GLN B 89 13.43 6.95 -14.74
N PRO B 90 12.27 6.56 -14.20
CA PRO B 90 12.15 5.50 -13.20
C PRO B 90 12.91 4.25 -13.61
N LYS B 91 13.86 3.84 -12.78
CA LYS B 91 14.65 2.66 -13.04
C LYS B 91 13.91 1.43 -12.57
N ILE B 92 13.95 0.38 -13.38
CA ILE B 92 13.30 -0.88 -13.06
C ILE B 92 14.34 -2.00 -12.94
N VAL B 93 14.31 -2.73 -11.82
CA VAL B 93 15.20 -3.86 -11.62
C VAL B 93 14.38 -5.14 -11.52
N LYS B 94 14.56 -6.02 -12.51
CA LYS B 94 13.86 -7.29 -12.52
C LYS B 94 14.38 -8.19 -11.41
N TRP B 95 13.52 -9.05 -10.87
CA TRP B 95 13.95 -9.95 -9.82
C TRP B 95 14.52 -11.24 -10.40
N ASP B 96 15.73 -11.57 -9.99
CA ASP B 96 16.36 -12.86 -10.33
C ASP B 96 16.51 -13.68 -9.06
N ARG B 97 15.93 -14.87 -9.04
CA ARG B 97 15.98 -15.70 -7.84
C ARG B 97 17.41 -16.16 -7.53
N ASP B 98 18.27 -16.17 -8.54
CA ASP B 98 19.65 -16.62 -8.38
C ASP B 98 20.54 -15.51 -7.83
N MET B 99 19.97 -14.31 -7.71
CA MET B 99 20.68 -13.17 -7.16
C MET B 99 19.98 -12.64 -5.91
N GLY C 1 -38.91 -7.65 2.16
CA GLY C 1 -39.46 -7.37 0.85
C GLY C 1 -38.83 -8.23 -0.23
N SER C 2 -38.63 -7.64 -1.41
CA SER C 2 -37.97 -8.35 -2.50
C SER C 2 -36.46 -8.45 -2.26
N HIS C 3 -35.87 -9.56 -2.68
CA HIS C 3 -34.43 -9.75 -2.51
C HIS C 3 -33.79 -10.30 -3.77
N SER C 4 -32.48 -10.10 -3.90
CA SER C 4 -31.76 -10.55 -5.09
C SER C 4 -30.39 -11.12 -4.74
N MET C 5 -29.97 -12.14 -5.46
CA MET C 5 -28.60 -12.63 -5.33
C MET C 5 -27.97 -12.52 -6.71
N ARG C 6 -26.76 -11.98 -6.79
CA ARG C 6 -26.12 -11.77 -8.08
C ARG C 6 -24.65 -12.13 -8.04
N TYR C 7 -24.15 -12.75 -9.12
CA TYR C 7 -22.73 -13.05 -9.22
C TYR C 7 -22.12 -12.29 -10.40
N PHE C 8 -21.06 -11.54 -10.11
CA PHE C 8 -20.39 -10.71 -11.10
C PHE C 8 -19.02 -11.27 -11.42
N HIS C 9 -18.67 -11.28 -12.71
CA HIS C 9 -17.42 -11.87 -13.18
C HIS C 9 -16.70 -10.94 -14.15
N THR C 10 -15.39 -10.76 -13.94
CA THR C 10 -14.60 -9.96 -14.87
C THR C 10 -13.30 -10.66 -15.25
N SER C 11 -13.08 -10.86 -16.55
CA SER C 11 -11.83 -11.40 -17.07
C SER C 11 -11.17 -10.40 -18.01
N VAL C 12 -9.89 -10.11 -17.77
CA VAL C 12 -9.14 -9.16 -18.59
C VAL C 12 -7.85 -9.77 -19.13
N SER C 13 -7.69 -9.82 -20.46
CA SER C 13 -6.47 -10.37 -21.04
C SER C 13 -5.30 -9.43 -20.85
N ARG C 14 -4.11 -10.00 -20.67
CA ARG C 14 -2.88 -9.21 -20.50
C ARG C 14 -1.79 -9.68 -21.44
N PRO C 15 -1.84 -9.22 -22.70
CA PRO C 15 -0.91 -9.57 -23.77
C PRO C 15 0.55 -9.41 -23.34
N GLY C 16 1.30 -10.50 -23.37
CA GLY C 16 2.70 -10.50 -23.00
C GLY C 16 2.90 -10.74 -21.52
N ARG C 17 2.16 -10.00 -20.70
CA ARG C 17 2.30 -10.04 -19.25
C ARG C 17 1.93 -11.40 -18.65
N GLY C 18 0.89 -12.04 -19.17
CA GLY C 18 0.49 -13.35 -18.67
C GLY C 18 -0.94 -13.75 -18.96
N GLU C 19 -1.51 -14.61 -18.11
CA GLU C 19 -2.86 -15.08 -18.34
C GLU C 19 -3.86 -14.02 -17.91
N PRO C 20 -5.09 -14.10 -18.44
CA PRO C 20 -6.13 -13.11 -18.15
C PRO C 20 -6.37 -12.98 -16.65
N ARG C 21 -6.68 -11.77 -16.20
CA ARG C 21 -6.99 -11.52 -14.80
C ARG C 21 -8.47 -11.75 -14.55
N PHE C 22 -8.80 -12.58 -13.56
CA PHE C 22 -10.18 -12.94 -13.26
C PHE C 22 -10.60 -12.55 -11.84
N ILE C 23 -11.68 -11.78 -11.72
CA ILE C 23 -12.20 -11.35 -10.41
C ILE C 23 -13.71 -11.52 -10.32
N THR C 24 -14.18 -12.18 -9.27
CA THR C 24 -15.63 -12.39 -9.11
C THR C 24 -16.14 -12.07 -7.70
N VAL C 25 -17.33 -11.47 -7.63
CA VAL C 25 -17.95 -11.17 -6.35
C VAL C 25 -19.39 -11.66 -6.27
N GLY C 26 -19.85 -11.94 -5.06
CA GLY C 26 -21.22 -12.34 -4.83
C GLY C 26 -21.93 -11.33 -3.95
N TYR C 27 -23.16 -11.00 -4.33
CA TYR C 27 -23.96 -10.00 -3.63
C TYR C 27 -25.32 -10.57 -3.26
N VAL C 28 -25.70 -10.40 -1.99
CA VAL C 28 -27.09 -10.58 -1.62
C VAL C 28 -27.66 -9.20 -1.33
N ASP C 29 -28.57 -8.75 -2.19
CA ASP C 29 -29.04 -7.37 -2.18
C ASP C 29 -27.84 -6.45 -2.38
N ASP C 30 -27.62 -5.54 -1.45
CA ASP C 30 -26.49 -4.61 -1.55
C ASP C 30 -25.36 -5.03 -0.62
N THR C 31 -25.35 -6.31 -0.25
CA THR C 31 -24.35 -6.84 0.65
C THR C 31 -23.38 -7.81 -0.06
N LEU C 32 -22.13 -7.40 -0.16
CA LEU C 32 -21.07 -8.28 -0.69
C LEU C 32 -20.87 -9.46 0.26
N PHE C 33 -20.90 -10.69 -0.23
CA PHE C 33 -20.71 -11.81 0.70
C PHE C 33 -19.59 -12.79 0.30
N VAL C 34 -19.16 -12.76 -0.95
CA VAL C 34 -18.06 -13.61 -1.38
C VAL C 34 -17.15 -12.89 -2.36
N ARG C 35 -15.94 -13.39 -2.53
CA ARG C 35 -15.00 -12.79 -3.46
C ARG C 35 -13.94 -13.80 -3.89
N PHE C 36 -13.46 -13.64 -5.13
CA PHE C 36 -12.39 -14.46 -5.66
C PHE C 36 -11.52 -13.64 -6.59
N ASP C 37 -10.22 -13.65 -6.33
CA ASP C 37 -9.26 -12.99 -7.23
C ASP C 37 -8.23 -14.03 -7.65
N SER C 38 -8.01 -14.16 -8.96
CA SER C 38 -7.04 -15.14 -9.44
C SER C 38 -5.60 -14.64 -9.30
N ASP C 39 -5.42 -13.37 -8.96
CA ASP C 39 -4.07 -12.82 -8.86
C ASP C 39 -3.36 -13.32 -7.60
N ALA C 40 -4.10 -14.00 -6.74
CA ALA C 40 -3.51 -14.59 -5.54
C ALA C 40 -2.63 -15.76 -5.97
N ALA C 41 -1.63 -16.09 -5.15
CA ALA C 41 -0.73 -17.19 -5.48
C ALA C 41 -1.47 -18.52 -5.45
N SER C 42 -2.25 -18.72 -4.40
CA SER C 42 -3.11 -19.89 -4.26
C SER C 42 -4.53 -19.42 -3.95
N PRO C 43 -5.20 -18.86 -4.97
CA PRO C 43 -6.52 -18.23 -4.90
C PRO C 43 -7.61 -19.15 -4.36
N ARG C 44 -8.50 -18.56 -3.59
CA ARG C 44 -9.66 -19.25 -3.07
C ARG C 44 -10.78 -18.24 -2.91
N GLU C 45 -12.01 -18.71 -2.95
CA GLU C 45 -13.14 -17.85 -2.65
C GLU C 45 -13.18 -17.58 -1.14
N GLU C 46 -13.26 -16.31 -0.79
CA GLU C 46 -13.24 -15.88 0.60
C GLU C 46 -14.56 -15.22 0.98
N PRO C 47 -14.96 -15.34 2.25
CA PRO C 47 -16.17 -14.73 2.82
C PRO C 47 -16.02 -13.23 3.12
N ARG C 48 -16.95 -12.41 2.63
CA ARG C 48 -16.93 -10.98 2.93
C ARG C 48 -18.13 -10.57 3.78
N ALA C 49 -18.96 -11.53 4.14
CA ALA C 49 -20.05 -11.26 5.07
C ALA C 49 -20.02 -12.29 6.21
N PRO C 50 -20.49 -11.88 7.40
CA PRO C 50 -20.46 -12.71 8.61
C PRO C 50 -21.32 -13.96 8.50
N TRP C 51 -22.51 -13.83 7.91
CA TRP C 51 -23.45 -14.94 7.84
C TRP C 51 -23.09 -15.99 6.80
N ILE C 52 -22.10 -15.71 5.96
CA ILE C 52 -21.69 -16.69 4.95
C ILE C 52 -20.54 -17.54 5.48
N GLU C 53 -19.96 -17.12 6.59
N GLU C 53 -19.95 -17.13 6.59
CA GLU C 53 -18.86 -17.86 7.19
CA GLU C 53 -18.85 -17.88 7.18
C GLU C 53 -19.36 -19.14 7.85
C GLU C 53 -19.37 -19.17 7.80
N GLN C 54 -20.68 -19.26 7.98
CA GLN C 54 -21.29 -20.43 8.58
C GLN C 54 -21.07 -21.68 7.74
N GLU C 55 -20.96 -21.49 6.42
CA GLU C 55 -20.87 -22.61 5.49
C GLU C 55 -19.61 -23.42 5.69
N GLY C 56 -19.71 -24.74 5.56
CA GLY C 56 -18.60 -25.65 5.80
C GLY C 56 -17.61 -25.74 4.65
N PRO C 57 -16.52 -26.49 4.87
CA PRO C 57 -15.42 -26.67 3.91
C PRO C 57 -15.88 -27.13 2.54
N GLU C 58 -16.86 -28.03 2.51
CA GLU C 58 -17.34 -28.54 1.24
C GLU C 58 -17.95 -27.40 0.40
N TYR C 59 -18.45 -26.37 1.08
CA TYR C 59 -19.02 -25.19 0.42
C TYR C 59 -17.94 -24.35 -0.23
N TRP C 60 -16.92 -24.02 0.56
CA TRP C 60 -15.82 -23.20 0.08
C TRP C 60 -14.99 -23.98 -0.91
N ASP C 61 -14.96 -25.30 -0.76
CA ASP C 61 -14.24 -26.14 -1.72
C ASP C 61 -14.89 -26.16 -3.10
N ARG C 62 -16.20 -26.35 -3.15
CA ARG C 62 -16.89 -26.42 -4.44
C ARG C 62 -16.91 -25.05 -5.13
N GLU C 63 -17.15 -24.02 -4.33
CA GLU C 63 -17.22 -22.65 -4.82
C GLU C 63 -15.89 -22.22 -5.44
N THR C 64 -14.79 -22.52 -4.76
CA THR C 64 -13.44 -22.22 -5.24
C THR C 64 -13.11 -22.96 -6.53
N GLN C 65 -13.61 -24.19 -6.62
CA GLN C 65 -13.47 -25.03 -7.79
C GLN C 65 -14.21 -24.42 -8.99
N ILE C 66 -15.39 -23.87 -8.71
CA ILE C 66 -16.20 -23.19 -9.70
C ILE C 66 -15.52 -21.93 -10.22
N CYS C 67 -14.94 -21.18 -9.31
CA CYS C 67 -14.24 -19.95 -9.66
C CYS C 67 -13.05 -20.24 -10.56
N LYS C 68 -12.28 -21.27 -10.22
CA LYS C 68 -11.14 -21.67 -11.04
C LYS C 68 -11.58 -22.15 -12.42
N ALA C 69 -12.68 -22.90 -12.46
CA ALA C 69 -13.23 -23.39 -13.73
C ALA C 69 -13.72 -22.24 -14.61
N LYS C 70 -14.40 -21.27 -13.99
CA LYS C 70 -14.93 -20.11 -14.70
C LYS C 70 -13.81 -19.25 -15.26
N ALA C 71 -12.74 -19.12 -14.50
CA ALA C 71 -11.58 -18.34 -14.91
C ALA C 71 -11.03 -18.90 -16.22
N GLN C 72 -10.88 -20.22 -16.27
CA GLN C 72 -10.37 -20.88 -17.47
C GLN C 72 -11.38 -20.90 -18.63
N THR C 73 -12.65 -21.12 -18.32
CA THR C 73 -13.67 -21.12 -19.36
C THR C 73 -13.75 -19.72 -19.97
N ASP C 74 -13.56 -18.69 -19.14
CA ASP C 74 -13.53 -17.32 -19.62
C ASP C 74 -12.32 -17.07 -20.52
N ARG C 75 -11.29 -17.88 -20.36
CA ARG C 75 -10.03 -17.68 -21.07
C ARG C 75 -10.13 -18.28 -22.46
N GLU C 76 -10.82 -19.41 -22.54
CA GLU C 76 -11.15 -20.08 -23.79
C GLU C 76 -12.06 -19.18 -24.61
N ASP C 77 -12.98 -18.50 -23.94
CA ASP C 77 -13.94 -17.62 -24.60
C ASP C 77 -13.31 -16.35 -25.18
N LEU C 78 -12.30 -15.83 -24.49
CA LEU C 78 -11.60 -14.64 -24.96
C LEU C 78 -10.90 -14.98 -26.27
N ARG C 79 -10.30 -16.16 -26.33
CA ARG C 79 -9.66 -16.64 -27.54
C ARG C 79 -10.69 -16.81 -28.66
N THR C 80 -11.87 -17.30 -28.31
CA THR C 80 -12.92 -17.48 -29.30
C THR C 80 -13.35 -16.14 -29.87
N LEU C 81 -13.58 -15.17 -28.99
CA LEU C 81 -14.05 -13.85 -29.37
C LEU C 81 -13.02 -13.07 -30.20
N LEU C 82 -11.74 -13.38 -29.99
CA LEU C 82 -10.68 -12.82 -30.84
C LEU C 82 -10.85 -13.27 -32.28
N ARG C 83 -11.08 -14.57 -32.45
CA ARG C 83 -11.25 -15.15 -33.77
C ARG C 83 -12.58 -14.72 -34.39
N TYR C 84 -13.60 -14.50 -33.57
CA TYR C 84 -14.90 -14.06 -34.07
C TYR C 84 -14.78 -12.70 -34.72
N TYR C 85 -14.07 -11.80 -34.03
CA TYR C 85 -13.92 -10.43 -34.50
C TYR C 85 -12.62 -10.20 -35.27
N ASN C 86 -11.84 -11.25 -35.47
CA ASN C 86 -10.59 -11.17 -36.20
C ASN C 86 -9.71 -10.07 -35.62
N GLN C 87 -9.65 -10.03 -34.30
CA GLN C 87 -8.84 -9.06 -33.58
C GLN C 87 -7.41 -9.57 -33.32
N SER C 88 -6.50 -8.67 -33.00
CA SER C 88 -5.13 -9.03 -32.68
C SER C 88 -4.96 -9.43 -31.21
N GLU C 89 -3.99 -10.29 -30.91
CA GLU C 89 -3.62 -10.63 -29.54
C GLU C 89 -2.93 -9.48 -28.81
N ALA C 90 -2.40 -8.53 -29.57
CA ALA C 90 -1.71 -7.39 -28.99
C ALA C 90 -2.67 -6.56 -28.15
N GLY C 91 -3.93 -6.54 -28.56
CA GLY C 91 -4.94 -5.78 -27.85
C GLY C 91 -5.51 -6.57 -26.69
N SER C 92 -5.78 -5.89 -25.57
CA SER C 92 -6.41 -6.53 -24.42
C SER C 92 -7.92 -6.33 -24.47
N HIS C 93 -8.65 -7.38 -24.14
CA HIS C 93 -10.12 -7.34 -24.21
C HIS C 93 -10.78 -7.79 -22.91
N THR C 94 -12.03 -7.37 -22.72
CA THR C 94 -12.75 -7.65 -21.50
C THR C 94 -14.00 -8.50 -21.70
N LEU C 95 -14.15 -9.49 -20.83
CA LEU C 95 -15.35 -10.32 -20.78
C LEU C 95 -16.00 -10.15 -19.40
N GLN C 96 -17.29 -9.85 -19.39
CA GLN C 96 -18.02 -9.50 -18.17
C GLN C 96 -19.30 -10.33 -18.13
N ASN C 97 -19.53 -11.00 -17.02
CA ASN C 97 -20.71 -11.85 -16.87
C ASN C 97 -21.46 -11.53 -15.59
N MET C 98 -22.77 -11.38 -15.71
N MET C 98 -22.77 -11.40 -15.68
CA MET C 98 -23.63 -11.23 -14.52
CA MET C 98 -23.59 -11.24 -14.50
C MET C 98 -24.81 -12.17 -14.62
C MET C 98 -24.86 -12.10 -14.58
N TYR C 99 -25.09 -12.87 -13.53
CA TYR C 99 -26.29 -13.69 -13.43
C TYR C 99 -26.79 -13.70 -12.00
N GLY C 100 -28.10 -13.77 -11.83
CA GLY C 100 -28.72 -13.75 -10.51
C GLY C 100 -30.20 -14.05 -10.61
N CYS C 101 -30.88 -14.01 -9.48
CA CYS C 101 -32.33 -14.20 -9.42
C CYS C 101 -32.96 -13.22 -8.44
N ASP C 102 -34.19 -12.79 -8.71
CA ASP C 102 -34.91 -11.89 -7.82
C ASP C 102 -36.06 -12.63 -7.17
N VAL C 103 -36.22 -12.50 -5.86
CA VAL C 103 -37.32 -13.17 -5.18
C VAL C 103 -38.27 -12.16 -4.54
N GLY C 104 -39.50 -12.58 -4.28
CA GLY C 104 -40.46 -11.73 -3.62
C GLY C 104 -40.51 -11.99 -2.12
N PRO C 105 -41.46 -11.34 -1.42
CA PRO C 105 -41.64 -11.57 0.00
C PRO C 105 -42.01 -13.03 0.27
N ASP C 106 -42.70 -13.64 -0.69
CA ASP C 106 -43.13 -15.03 -0.55
C ASP C 106 -42.00 -16.01 -0.86
N GLY C 107 -40.83 -15.50 -1.20
CA GLY C 107 -39.67 -16.34 -1.45
C GLY C 107 -39.73 -17.09 -2.77
N ARG C 108 -40.69 -16.71 -3.61
CA ARG C 108 -40.82 -17.28 -4.95
C ARG C 108 -40.15 -16.38 -5.98
N LEU C 109 -39.61 -16.99 -7.03
CA LEU C 109 -38.84 -16.30 -8.07
C LEU C 109 -39.59 -15.27 -8.92
N LEU C 110 -39.13 -14.03 -8.84
CA LEU C 110 -39.61 -12.95 -9.70
C LEU C 110 -39.02 -13.02 -11.11
N ARG C 111 -37.70 -12.89 -11.23
CA ARG C 111 -37.04 -13.00 -12.52
C ARG C 111 -35.68 -13.69 -12.43
N GLY C 112 -35.19 -14.16 -13.57
CA GLY C 112 -33.88 -14.79 -13.64
C GLY C 112 -32.99 -14.06 -14.64
N TYR C 113 -31.69 -14.05 -14.36
CA TYR C 113 -30.73 -13.30 -15.15
C TYR C 113 -29.48 -14.07 -15.54
N HIS C 114 -29.04 -13.88 -16.77
CA HIS C 114 -27.71 -14.30 -17.21
C HIS C 114 -27.28 -13.45 -18.40
N GLN C 115 -26.38 -12.51 -18.15
CA GLN C 115 -25.98 -11.52 -19.14
C GLN C 115 -24.48 -11.55 -19.41
N ASP C 116 -24.10 -11.27 -20.64
CA ASP C 116 -22.68 -11.23 -21.04
C ASP C 116 -22.33 -9.98 -21.83
N ALA C 117 -21.19 -9.37 -21.52
CA ALA C 117 -20.74 -8.19 -22.25
C ALA C 117 -19.31 -8.36 -22.72
N TYR C 118 -19.01 -7.89 -23.93
CA TYR C 118 -17.65 -7.94 -24.45
C TYR C 118 -17.13 -6.53 -24.66
N ASP C 119 -16.05 -6.21 -23.95
CA ASP C 119 -15.44 -4.89 -23.98
C ASP C 119 -16.49 -3.82 -23.66
N GLY C 120 -17.34 -4.13 -22.69
CA GLY C 120 -18.28 -3.18 -22.14
C GLY C 120 -19.61 -3.01 -22.86
N LYS C 121 -19.81 -3.75 -23.94
CA LYS C 121 -21.06 -3.70 -24.69
C LYS C 121 -21.77 -5.03 -24.55
N ASP C 122 -23.10 -5.01 -24.67
CA ASP C 122 -23.90 -6.21 -24.56
C ASP C 122 -23.49 -7.21 -25.63
N TYR C 123 -23.27 -8.45 -25.22
CA TYR C 123 -22.95 -9.50 -26.17
C TYR C 123 -24.16 -10.43 -26.34
N ILE C 124 -24.49 -11.20 -25.31
CA ILE C 124 -25.68 -12.05 -25.36
C ILE C 124 -26.35 -12.16 -24.00
N ALA C 125 -27.67 -12.06 -23.99
CA ALA C 125 -28.42 -12.08 -22.74
C ALA C 125 -29.59 -13.05 -22.83
N LEU C 126 -29.80 -13.80 -21.76
CA LEU C 126 -30.95 -14.70 -21.67
C LEU C 126 -32.18 -13.89 -21.34
N ASN C 127 -33.27 -14.14 -22.05
CA ASN C 127 -34.49 -13.37 -21.82
C ASN C 127 -35.22 -13.82 -20.56
N GLU C 128 -36.22 -13.05 -20.17
CA GLU C 128 -36.95 -13.29 -18.93
C GLU C 128 -37.76 -14.59 -18.98
N ASP C 129 -38.02 -15.08 -20.19
CA ASP C 129 -38.77 -16.32 -20.37
C ASP C 129 -37.87 -17.54 -20.15
N LEU C 130 -36.58 -17.28 -20.01
CA LEU C 130 -35.60 -18.33 -19.72
C LEU C 130 -35.54 -19.39 -20.81
N SER C 131 -36.05 -19.06 -21.99
CA SER C 131 -36.04 -19.99 -23.11
C SER C 131 -35.61 -19.30 -24.41
N SER C 132 -35.15 -18.06 -24.32
CA SER C 132 -34.70 -17.33 -25.50
C SER C 132 -33.47 -16.46 -25.21
N TRP C 133 -32.75 -16.09 -26.25
CA TRP C 133 -31.57 -15.26 -26.10
C TRP C 133 -31.68 -13.98 -26.92
N THR C 134 -31.05 -12.92 -26.42
CA THR C 134 -30.94 -11.67 -27.15
C THR C 134 -29.48 -11.49 -27.52
N ALA C 135 -29.21 -11.48 -28.82
CA ALA C 135 -27.84 -11.37 -29.33
C ALA C 135 -27.58 -10.00 -29.95
N ALA C 136 -26.43 -9.41 -29.65
CA ALA C 136 -26.09 -8.07 -30.12
C ALA C 136 -25.69 -8.02 -31.59
N ASP C 137 -24.92 -9.01 -32.02
CA ASP C 137 -24.42 -9.05 -33.39
C ASP C 137 -24.35 -10.48 -33.94
N THR C 138 -23.76 -10.61 -35.12
CA THR C 138 -23.63 -11.92 -35.77
C THR C 138 -22.74 -12.86 -34.97
N ALA C 139 -21.75 -12.29 -34.28
CA ALA C 139 -20.88 -13.09 -33.42
C ALA C 139 -21.68 -13.72 -32.28
N ALA C 140 -22.55 -12.93 -31.66
CA ALA C 140 -23.40 -13.42 -30.58
C ALA C 140 -24.44 -14.42 -31.08
N GLN C 141 -24.87 -14.25 -32.32
CA GLN C 141 -25.79 -15.18 -32.95
C GLN C 141 -25.13 -16.52 -33.25
N ILE C 142 -23.82 -16.49 -33.47
CA ILE C 142 -23.08 -17.73 -33.62
C ILE C 142 -23.06 -18.44 -32.27
N THR C 143 -22.80 -17.68 -31.21
CA THR C 143 -22.81 -18.25 -29.86
C THR C 143 -24.19 -18.78 -29.53
N GLN C 144 -25.22 -18.04 -29.93
CA GLN C 144 -26.60 -18.44 -29.65
C GLN C 144 -26.91 -19.79 -30.25
N ARG C 145 -26.41 -20.04 -31.47
CA ARG C 145 -26.62 -21.30 -32.16
C ARG C 145 -25.94 -22.40 -31.36
N LYS C 146 -24.70 -22.12 -30.94
CA LYS C 146 -23.91 -23.06 -30.15
C LYS C 146 -24.59 -23.32 -28.81
N TRP C 147 -25.05 -22.25 -28.17
CA TRP C 147 -25.72 -22.36 -26.88
C TRP C 147 -27.09 -23.02 -26.97
N GLU C 148 -27.75 -22.88 -28.12
CA GLU C 148 -29.01 -23.57 -28.37
C GLU C 148 -28.80 -25.08 -28.43
N ALA C 149 -27.73 -25.48 -29.12
CA ALA C 149 -27.40 -26.89 -29.30
C ALA C 149 -26.95 -27.52 -27.98
N ALA C 150 -26.40 -26.69 -27.10
CA ALA C 150 -25.89 -27.16 -25.81
C ALA C 150 -26.94 -27.06 -24.72
N ARG C 151 -28.14 -26.60 -25.10
CA ARG C 151 -29.27 -26.47 -24.17
C ARG C 151 -28.94 -25.60 -22.96
N VAL C 152 -28.19 -24.53 -23.20
CA VAL C 152 -27.74 -23.64 -22.12
C VAL C 152 -28.91 -22.94 -21.43
N ALA C 153 -29.98 -22.67 -22.18
CA ALA C 153 -31.16 -22.03 -21.60
C ALA C 153 -31.81 -22.91 -20.55
N GLU C 154 -31.90 -24.20 -20.83
CA GLU C 154 -32.46 -25.16 -19.87
C GLU C 154 -31.55 -25.39 -18.65
N GLN C 155 -30.24 -25.26 -18.86
CA GLN C 155 -29.27 -25.34 -17.77
C GLN C 155 -29.54 -24.22 -16.77
N LEU C 156 -29.63 -23.01 -17.28
CA LEU C 156 -29.87 -21.84 -16.44
C LEU C 156 -31.26 -21.84 -15.83
N ARG C 157 -32.25 -22.25 -16.62
CA ARG C 157 -33.63 -22.30 -16.15
C ARG C 157 -33.74 -23.19 -14.91
N ALA C 158 -33.03 -24.31 -14.92
CA ALA C 158 -33.02 -25.22 -13.79
C ALA C 158 -32.36 -24.57 -12.58
N TYR C 159 -31.23 -23.90 -12.80
CA TYR C 159 -30.51 -23.25 -11.70
C TYR C 159 -31.28 -22.04 -11.13
N LEU C 160 -31.74 -21.16 -12.01
CA LEU C 160 -32.45 -19.96 -11.58
C LEU C 160 -33.71 -20.29 -10.79
N GLU C 161 -34.48 -21.24 -11.32
CA GLU C 161 -35.71 -21.68 -10.66
C GLU C 161 -35.49 -22.51 -9.41
N GLY C 162 -34.32 -23.13 -9.27
CA GLY C 162 -34.10 -24.04 -8.16
C GLY C 162 -33.08 -23.60 -7.14
N GLU C 163 -31.81 -23.93 -7.39
CA GLU C 163 -30.74 -23.66 -6.44
C GLU C 163 -30.55 -22.17 -6.18
N CYS C 164 -30.88 -21.35 -7.17
CA CYS C 164 -30.67 -19.92 -6.99
C CYS C 164 -31.57 -19.41 -5.88
N VAL C 165 -32.87 -19.68 -6.00
CA VAL C 165 -33.83 -19.22 -5.02
C VAL C 165 -33.71 -19.95 -3.68
N GLU C 166 -33.49 -21.26 -3.76
CA GLU C 166 -33.39 -22.05 -2.54
C GLU C 166 -32.28 -21.49 -1.67
N TRP C 167 -31.09 -21.37 -2.24
CA TRP C 167 -29.93 -20.87 -1.51
C TRP C 167 -30.04 -19.41 -1.15
N LEU C 168 -30.71 -18.62 -1.99
CA LEU C 168 -30.91 -17.22 -1.70
C LEU C 168 -31.68 -17.03 -0.40
N ARG C 169 -32.76 -17.78 -0.24
CA ARG C 169 -33.55 -17.70 0.98
C ARG C 169 -32.74 -18.19 2.17
N ARG C 170 -31.85 -19.15 1.93
N ARG C 170 -31.84 -19.13 1.92
CA ARG C 170 -30.97 -19.65 2.99
CA ARG C 170 -30.95 -19.66 2.95
C ARG C 170 -30.07 -18.55 3.53
C ARG C 170 -30.06 -18.56 3.52
N TYR C 171 -29.46 -17.78 2.62
CA TYR C 171 -28.59 -16.68 3.03
C TYR C 171 -29.42 -15.64 3.76
N LEU C 172 -30.60 -15.35 3.22
CA LEU C 172 -31.53 -14.42 3.83
C LEU C 172 -31.88 -14.82 5.25
N GLU C 173 -32.13 -16.11 5.45
CA GLU C 173 -32.47 -16.60 6.78
C GLU C 173 -31.26 -16.53 7.70
N ASN C 174 -30.09 -16.90 7.21
CA ASN C 174 -28.89 -16.93 8.03
C ASN C 174 -28.50 -15.55 8.56
N GLY C 175 -28.67 -14.52 7.73
CA GLY C 175 -28.33 -13.17 8.13
C GLY C 175 -29.53 -12.24 8.23
N LYS C 176 -30.67 -12.81 8.59
CA LYS C 176 -31.93 -12.05 8.65
C LYS C 176 -31.81 -10.82 9.54
N GLU C 177 -30.89 -10.89 10.51
CA GLU C 177 -30.65 -9.76 11.40
C GLU C 177 -30.16 -8.55 10.63
N THR C 178 -29.16 -8.74 9.78
CA THR C 178 -28.57 -7.65 9.01
C THR C 178 -29.28 -7.46 7.66
N LEU C 179 -29.59 -8.57 6.99
CA LEU C 179 -30.17 -8.53 5.65
C LEU C 179 -31.57 -7.92 5.61
N GLN C 180 -32.46 -8.44 6.44
CA GLN C 180 -33.85 -7.98 6.50
C GLN C 180 -34.01 -6.59 7.11
N ARG C 181 -33.21 -6.30 8.14
N ARG C 181 -33.18 -6.29 8.11
CA ARG C 181 -33.26 -5.01 8.81
CA ARG C 181 -33.24 -5.01 8.82
C ARG C 181 -32.68 -3.91 7.95
C ARG C 181 -32.63 -3.87 8.01
N ALA C 182 -33.40 -2.80 7.85
CA ALA C 182 -32.98 -1.68 7.00
C ALA C 182 -32.52 -0.48 7.81
N ASP C 183 -31.32 0.01 7.51
CA ASP C 183 -30.77 1.15 8.22
C ASP C 183 -31.27 2.44 7.60
N PRO C 184 -32.01 3.24 8.38
CA PRO C 184 -32.50 4.55 7.90
C PRO C 184 -31.36 5.54 7.79
N PRO C 185 -31.50 6.53 6.89
CA PRO C 185 -30.47 7.54 6.63
C PRO C 185 -30.44 8.65 7.67
N LYS C 186 -29.24 8.98 8.15
CA LYS C 186 -29.05 10.14 9.00
C LYS C 186 -29.02 11.41 8.15
N THR C 187 -29.97 12.31 8.39
CA THR C 187 -30.18 13.45 7.51
C THR C 187 -30.03 14.82 8.18
N HIS C 188 -29.30 15.71 7.52
CA HIS C 188 -29.16 17.09 7.97
C HIS C 188 -28.93 18.04 6.79
N VAL C 189 -29.18 19.33 7.03
CA VAL C 189 -28.98 20.34 5.99
C VAL C 189 -27.87 21.33 6.38
N THR C 190 -26.93 21.53 5.45
CA THR C 190 -25.80 22.42 5.69
C THR C 190 -25.86 23.66 4.80
N HIS C 191 -25.11 24.70 5.18
CA HIS C 191 -25.14 25.95 4.43
C HIS C 191 -23.76 26.41 3.96
N HIS C 192 -23.62 26.67 2.66
CA HIS C 192 -22.35 27.15 2.12
C HIS C 192 -22.54 28.22 1.06
N PRO C 193 -22.39 29.49 1.47
CA PRO C 193 -22.47 30.68 0.63
C PRO C 193 -21.16 30.98 -0.11
N ILE C 194 -21.12 30.84 -1.44
CA ILE C 194 -19.94 31.23 -2.19
C ILE C 194 -19.82 32.75 -2.19
N SER C 195 -20.94 33.43 -2.42
CA SER C 195 -20.94 34.89 -2.41
C SER C 195 -21.99 35.42 -1.43
N ASP C 196 -22.05 36.75 -1.31
CA ASP C 196 -23.00 37.41 -0.43
C ASP C 196 -24.45 37.32 -0.92
N HIS C 197 -24.63 37.27 -2.23
CA HIS C 197 -25.96 37.37 -2.82
C HIS C 197 -26.65 36.01 -2.95
N GLU C 198 -25.87 34.94 -3.02
CA GLU C 198 -26.43 33.61 -3.18
C GLU C 198 -25.92 32.63 -2.13
N ALA C 199 -26.78 31.69 -1.74
CA ALA C 199 -26.40 30.68 -0.77
C ALA C 199 -26.78 29.28 -1.26
N THR C 200 -26.02 28.28 -0.82
CA THR C 200 -26.29 26.91 -1.22
C THR C 200 -26.74 26.03 -0.05
N LEU C 201 -27.83 25.30 -0.26
CA LEU C 201 -28.33 24.37 0.75
C LEU C 201 -28.05 22.94 0.31
N ARG C 202 -27.45 22.16 1.21
CA ARG C 202 -27.12 20.77 0.92
C ARG C 202 -27.82 19.79 1.85
N CYS C 203 -28.49 18.79 1.26
CA CYS C 203 -29.20 17.77 2.02
C CYS C 203 -28.41 16.46 2.07
N TRP C 204 -28.25 15.94 3.28
CA TRP C 204 -27.39 14.78 3.51
C TRP C 204 -28.17 13.53 3.93
N ALA C 205 -27.82 12.38 3.37
CA ALA C 205 -28.32 11.10 3.84
C ALA C 205 -27.16 10.16 4.14
N LEU C 206 -26.98 9.82 5.42
CA LEU C 206 -25.79 9.06 5.83
C LEU C 206 -26.12 7.75 6.54
N GLY C 207 -25.25 6.76 6.33
CA GLY C 207 -25.35 5.46 6.95
C GLY C 207 -26.68 4.74 6.80
N PHE C 208 -27.15 4.61 5.57
CA PHE C 208 -28.42 3.95 5.32
C PHE C 208 -28.24 2.68 4.49
N TYR C 209 -29.23 1.80 4.57
CA TYR C 209 -29.24 0.54 3.84
C TYR C 209 -30.67 0.07 3.62
N PRO C 210 -31.01 -0.29 2.37
CA PRO C 210 -30.06 -0.42 1.25
C PRO C 210 -29.73 0.90 0.57
N ALA C 211 -29.06 0.78 -0.58
CA ALA C 211 -28.58 1.91 -1.38
C ALA C 211 -29.68 2.79 -1.98
N GLU C 212 -30.84 2.22 -2.25
CA GLU C 212 -31.91 2.98 -2.89
CA GLU C 212 -31.91 2.98 -2.89
C GLU C 212 -32.52 4.02 -1.96
N ILE C 213 -32.45 5.27 -2.37
CA ILE C 213 -32.95 6.40 -1.59
C ILE C 213 -33.37 7.51 -2.53
N THR C 214 -34.20 8.42 -2.05
CA THR C 214 -34.64 9.55 -2.84
C THR C 214 -34.47 10.87 -2.08
N LEU C 215 -33.69 11.77 -2.66
CA LEU C 215 -33.50 13.10 -2.11
C LEU C 215 -34.03 14.12 -3.10
N THR C 216 -34.94 14.98 -2.65
CA THR C 216 -35.52 15.98 -3.54
C THR C 216 -35.49 17.36 -2.90
N TRP C 217 -35.24 18.38 -3.72
CA TRP C 217 -35.27 19.74 -3.24
C TRP C 217 -36.52 20.41 -3.76
N GLN C 218 -37.28 21.01 -2.85
CA GLN C 218 -38.50 21.71 -3.23
C GLN C 218 -38.50 23.13 -2.68
N ARG C 219 -38.83 24.10 -3.53
CA ARG C 219 -38.96 25.47 -3.06
C ARG C 219 -40.43 25.79 -2.87
N ASP C 220 -40.89 25.71 -1.63
CA ASP C 220 -42.29 25.95 -1.29
C ASP C 220 -43.24 25.05 -2.10
N GLY C 221 -42.95 23.75 -2.14
CA GLY C 221 -43.76 22.79 -2.86
C GLY C 221 -43.53 22.72 -4.35
N GLU C 222 -42.48 23.40 -4.83
CA GLU C 222 -42.14 23.40 -6.25
C GLU C 222 -40.89 22.56 -6.55
N ASP C 223 -40.85 21.96 -7.73
CA ASP C 223 -39.81 21.01 -8.08
C ASP C 223 -38.56 21.71 -8.60
N GLN C 224 -37.41 21.22 -8.20
CA GLN C 224 -36.15 21.87 -8.53
C GLN C 224 -35.22 20.95 -9.32
N THR C 225 -35.79 20.12 -10.19
CA THR C 225 -35.00 19.17 -10.97
C THR C 225 -33.95 19.86 -11.81
N GLN C 226 -34.32 21.00 -12.39
CA GLN C 226 -33.43 21.74 -13.27
C GLN C 226 -32.19 22.27 -12.53
N ASP C 227 -32.41 22.79 -11.32
CA ASP C 227 -31.33 23.42 -10.55
C ASP C 227 -30.94 22.64 -9.30
N THR C 228 -30.88 21.31 -9.41
CA THR C 228 -30.45 20.49 -8.28
C THR C 228 -29.17 19.72 -8.58
N GLU C 229 -28.16 19.88 -7.72
CA GLU C 229 -26.92 19.11 -7.81
C GLU C 229 -27.02 17.85 -6.96
N LEU C 230 -27.27 16.72 -7.60
CA LEU C 230 -27.47 15.45 -6.92
C LEU C 230 -26.37 14.44 -7.23
N VAL C 231 -25.44 14.24 -6.30
CA VAL C 231 -24.32 13.33 -6.54
C VAL C 231 -24.76 11.87 -6.51
N GLU C 232 -23.98 11.03 -7.17
CA GLU C 232 -24.25 9.60 -7.21
C GLU C 232 -24.13 8.97 -5.82
N THR C 233 -24.94 7.94 -5.55
CA THR C 233 -24.88 7.22 -4.28
C THR C 233 -23.51 6.55 -4.10
N ARG C 234 -22.92 6.76 -2.93
CA ARG C 234 -21.56 6.33 -2.63
C ARG C 234 -21.52 5.39 -1.42
N PRO C 235 -20.63 4.39 -1.45
CA PRO C 235 -20.46 3.47 -0.32
C PRO C 235 -19.67 4.10 0.81
N ALA C 236 -20.14 3.98 2.05
CA ALA C 236 -19.41 4.55 3.17
C ALA C 236 -18.17 3.72 3.49
N GLY C 237 -18.18 2.46 3.08
CA GLY C 237 -17.08 1.57 3.37
C GLY C 237 -17.40 0.57 4.47
N ASP C 238 -18.55 0.75 5.12
CA ASP C 238 -18.96 -0.16 6.19
C ASP C 238 -20.27 -0.83 5.85
N ARG C 239 -20.40 -1.20 4.58
CA ARG C 239 -21.60 -1.81 4.02
C ARG C 239 -22.81 -0.85 4.01
N THR C 240 -22.58 0.42 4.31
CA THR C 240 -23.67 1.40 4.32
C THR C 240 -23.44 2.43 3.23
N PHE C 241 -24.46 3.20 2.91
CA PHE C 241 -24.37 4.13 1.80
C PHE C 241 -24.71 5.56 2.21
N GLN C 242 -24.17 6.51 1.45
CA GLN C 242 -24.43 7.92 1.66
C GLN C 242 -24.69 8.62 0.32
N LYS C 243 -25.48 9.69 0.36
CA LYS C 243 -25.85 10.45 -0.82
C LYS C 243 -26.34 11.84 -0.41
N TRP C 244 -25.97 12.87 -1.18
CA TRP C 244 -26.49 14.21 -0.87
C TRP C 244 -26.96 14.96 -2.11
N ALA C 245 -27.91 15.87 -1.87
CA ALA C 245 -28.43 16.75 -2.92
C ALA C 245 -28.32 18.21 -2.48
N ALA C 246 -27.78 19.05 -3.34
CA ALA C 246 -27.56 20.46 -3.00
C ALA C 246 -28.17 21.40 -4.03
N VAL C 247 -28.73 22.51 -3.55
CA VAL C 247 -29.29 23.54 -4.43
C VAL C 247 -28.77 24.93 -4.07
N VAL C 248 -28.67 25.80 -5.08
CA VAL C 248 -28.22 27.17 -4.86
C VAL C 248 -29.39 28.14 -4.83
N VAL C 249 -29.42 29.01 -3.83
CA VAL C 249 -30.51 29.96 -3.66
C VAL C 249 -29.98 31.37 -3.35
N PRO C 250 -30.84 32.38 -3.51
CA PRO C 250 -30.43 33.74 -3.16
C PRO C 250 -30.35 33.90 -1.65
N SER C 251 -29.41 34.72 -1.18
CA SER C 251 -29.20 34.86 0.26
C SER C 251 -30.46 35.34 0.95
N GLY C 252 -30.85 34.65 2.02
CA GLY C 252 -32.03 34.98 2.78
C GLY C 252 -33.27 34.23 2.32
N GLU C 253 -34.21 34.02 3.25
CA GLU C 253 -35.44 33.31 2.95
C GLU C 253 -35.18 31.90 2.42
N GLU C 254 -34.18 31.25 2.99
CA GLU C 254 -33.82 29.89 2.59
C GLU C 254 -34.96 28.95 2.94
N GLN C 255 -35.79 29.38 3.90
CA GLN C 255 -36.88 28.57 4.42
C GLN C 255 -37.89 28.13 3.37
N ARG C 256 -37.83 28.72 2.19
CA ARG C 256 -38.74 28.35 1.12
C ARG C 256 -38.39 26.99 0.54
N TYR C 257 -37.16 26.55 0.76
CA TYR C 257 -36.66 25.31 0.18
C TYR C 257 -36.72 24.18 1.21
N THR C 258 -37.22 23.02 0.78
CA THR C 258 -37.33 21.86 1.66
C THR C 258 -36.66 20.63 1.03
N CYS C 259 -36.14 19.76 1.88
CA CYS C 259 -35.55 18.51 1.43
C CYS C 259 -36.41 17.33 1.81
N HIS C 260 -36.76 16.50 0.84
CA HIS C 260 -37.60 15.34 1.09
C HIS C 260 -36.81 14.05 0.92
N VAL C 261 -36.84 13.21 1.95
CA VAL C 261 -36.05 11.99 1.97
C VAL C 261 -36.96 10.78 2.06
N GLN C 262 -36.88 9.93 1.05
CA GLN C 262 -37.69 8.72 1.01
C GLN C 262 -36.79 7.49 0.98
N HIS C 263 -36.78 6.74 2.09
CA HIS C 263 -35.97 5.53 2.19
C HIS C 263 -36.80 4.40 2.75
N GLU C 264 -36.37 3.17 2.48
CA GLU C 264 -37.07 1.98 2.95
C GLU C 264 -37.09 1.91 4.46
N GLY C 265 -35.98 2.27 5.08
CA GLY C 265 -35.84 2.20 6.52
C GLY C 265 -36.72 3.20 7.24
N LEU C 266 -37.08 4.28 6.55
CA LEU C 266 -37.95 5.29 7.13
C LEU C 266 -39.42 4.94 6.96
N PRO C 267 -40.18 5.04 8.06
CA PRO C 267 -41.62 4.78 8.06
C PRO C 267 -42.38 5.80 7.23
N LYS C 268 -41.90 7.03 7.22
CA LYS C 268 -42.54 8.09 6.46
C LYS C 268 -41.50 9.05 5.91
N PRO C 269 -41.80 9.67 4.76
CA PRO C 269 -40.92 10.66 4.13
C PRO C 269 -40.59 11.82 5.06
N LEU C 270 -39.36 12.30 5.00
CA LEU C 270 -38.91 13.38 5.86
C LEU C 270 -38.88 14.70 5.09
N THR C 271 -39.12 15.79 5.81
CA THR C 271 -38.98 17.12 5.23
C THR C 271 -38.04 17.94 6.09
N LEU C 272 -36.93 18.38 5.51
CA LEU C 272 -35.92 19.10 6.28
C LEU C 272 -35.61 20.48 5.71
N ARG C 273 -35.33 21.44 6.58
CA ARG C 273 -34.87 22.75 6.15
C ARG C 273 -33.77 23.25 7.07
N TRP C 274 -32.89 24.08 6.55
CA TRP C 274 -31.79 24.66 7.33
C TRP C 274 -32.28 25.67 8.36
N GLU C 275 -31.69 25.62 9.56
CA GLU C 275 -32.07 26.52 10.64
C GLU C 275 -30.89 27.39 11.03
N ILE D 1 -16.01 0.76 -26.42
CA ILE D 1 -16.12 2.15 -25.97
C ILE D 1 -15.24 2.36 -24.75
N GLN D 2 -14.94 3.62 -24.48
CA GLN D 2 -14.16 4.01 -23.33
C GLN D 2 -14.93 5.03 -22.52
N ARG D 3 -14.97 4.86 -21.20
CA ARG D 3 -15.68 5.82 -20.36
C ARG D 3 -14.76 6.32 -19.27
N THR D 4 -14.81 7.63 -19.00
CA THR D 4 -13.97 8.23 -17.98
C THR D 4 -14.59 8.07 -16.60
N PRO D 5 -13.77 7.68 -15.61
CA PRO D 5 -14.30 7.45 -14.26
C PRO D 5 -14.80 8.73 -13.62
N LYS D 6 -15.91 8.62 -12.90
CA LYS D 6 -16.35 9.71 -12.04
C LYS D 6 -15.66 9.54 -10.70
N ILE D 7 -15.25 10.66 -10.12
CA ILE D 7 -14.46 10.62 -8.91
C ILE D 7 -15.14 11.34 -7.75
N GLN D 8 -15.25 10.63 -6.63
CA GLN D 8 -15.79 11.19 -5.41
C GLN D 8 -14.84 10.91 -4.25
N VAL D 9 -14.37 11.96 -3.57
CA VAL D 9 -13.51 11.78 -2.39
C VAL D 9 -14.20 12.27 -1.11
N TYR D 10 -14.46 11.33 -0.21
CA TYR D 10 -15.25 11.60 0.99
C TYR D 10 -14.78 10.79 2.19
N SER D 11 -15.43 10.99 3.34
CA SER D 11 -15.09 10.27 4.55
C SER D 11 -16.21 9.34 5.00
N ARG D 12 -15.84 8.23 5.63
CA ARG D 12 -16.82 7.28 6.14
C ARG D 12 -17.72 7.97 7.14
N HIS D 13 -17.10 8.65 8.10
CA HIS D 13 -17.82 9.42 9.10
C HIS D 13 -17.50 10.91 8.94
N PRO D 14 -18.37 11.77 9.50
CA PRO D 14 -18.22 13.22 9.40
C PRO D 14 -16.83 13.68 9.81
N ALA D 15 -16.28 14.63 9.06
CA ALA D 15 -14.93 15.10 9.31
C ALA D 15 -14.84 15.72 10.69
N GLU D 16 -14.06 15.08 11.57
CA GLU D 16 -13.82 15.61 12.89
C GLU D 16 -12.32 15.68 13.15
N ASN D 17 -11.81 16.89 13.37
CA ASN D 17 -10.37 17.07 13.59
C ASN D 17 -9.90 16.32 14.83
N GLY D 18 -8.84 15.53 14.65
CA GLY D 18 -8.21 14.80 15.73
C GLY D 18 -8.87 13.48 16.06
N LYS D 19 -9.83 13.07 15.24
CA LYS D 19 -10.55 11.82 15.46
C LYS D 19 -10.39 10.83 14.31
N SER D 20 -10.29 9.55 14.65
CA SER D 20 -10.10 8.49 13.67
C SER D 20 -11.28 8.40 12.70
N ASN D 21 -10.95 8.27 11.42
CA ASN D 21 -11.94 8.22 10.35
C ASN D 21 -11.43 7.36 9.21
N PHE D 22 -12.18 7.38 8.11
CA PHE D 22 -11.75 6.69 6.89
C PHE D 22 -11.84 7.62 5.70
N LEU D 23 -10.78 7.64 4.90
CA LEU D 23 -10.77 8.43 3.68
C LEU D 23 -11.16 7.56 2.50
N ASN D 24 -12.25 7.95 1.83
CA ASN D 24 -12.75 7.19 0.70
C ASN D 24 -12.58 7.93 -0.63
N CYS D 25 -12.12 7.18 -1.64
CA CYS D 25 -12.12 7.67 -3.01
C CYS D 25 -12.92 6.71 -3.89
N TYR D 26 -14.11 7.15 -4.29
CA TYR D 26 -15.01 6.31 -5.07
C TYR D 26 -14.93 6.62 -6.56
N VAL D 27 -14.36 5.68 -7.32
CA VAL D 27 -14.27 5.79 -8.77
C VAL D 27 -15.28 4.85 -9.44
N SER D 28 -16.11 5.39 -10.32
CA SER D 28 -17.17 4.61 -10.95
C SER D 28 -17.46 4.96 -12.43
N GLY D 29 -18.22 4.08 -13.07
CA GLY D 29 -18.67 4.26 -14.46
C GLY D 29 -17.59 4.40 -15.50
N PHE D 30 -16.54 3.58 -15.40
CA PHE D 30 -15.43 3.69 -16.33
C PHE D 30 -15.17 2.39 -17.05
N HIS D 31 -14.49 2.50 -18.19
CA HIS D 31 -14.18 1.38 -19.04
C HIS D 31 -13.05 1.81 -19.98
N PRO D 32 -12.03 0.96 -20.14
CA PRO D 32 -11.91 -0.37 -19.52
C PRO D 32 -11.61 -0.32 -18.02
N SER D 33 -11.35 -1.48 -17.44
CA SER D 33 -11.15 -1.59 -15.99
C SER D 33 -9.82 -1.03 -15.47
N ASP D 34 -8.78 -1.07 -16.31
CA ASP D 34 -7.45 -0.63 -15.89
C ASP D 34 -7.48 0.79 -15.40
N ILE D 35 -7.25 0.96 -14.10
CA ILE D 35 -7.23 2.28 -13.50
C ILE D 35 -6.20 2.30 -12.40
N GLU D 36 -5.57 3.45 -12.22
CA GLU D 36 -4.62 3.64 -11.14
C GLU D 36 -5.12 4.74 -10.20
N VAL D 37 -5.32 4.40 -8.94
CA VAL D 37 -5.83 5.37 -7.98
C VAL D 37 -4.91 5.49 -6.77
N ASP D 38 -4.60 6.72 -6.40
CA ASP D 38 -3.73 6.99 -5.28
C ASP D 38 -4.35 8.06 -4.41
N LEU D 39 -4.25 7.89 -3.11
CA LEU D 39 -4.68 8.90 -2.17
C LEU D 39 -3.43 9.70 -1.81
N LEU D 40 -3.59 11.02 -1.69
CA LEU D 40 -2.46 11.89 -1.40
C LEU D 40 -2.67 12.70 -0.12
N LYS D 41 -1.64 12.75 0.72
CA LYS D 41 -1.66 13.61 1.90
C LYS D 41 -0.61 14.70 1.68
N ASN D 42 -1.09 15.93 1.52
CA ASN D 42 -0.22 17.05 1.20
C ASN D 42 0.61 16.81 -0.06
N GLY D 43 0.00 16.10 -1.02
CA GLY D 43 0.64 15.83 -2.30
C GLY D 43 1.59 14.65 -2.27
N GLU D 44 1.60 13.92 -1.15
CA GLU D 44 2.46 12.74 -1.03
C GLU D 44 1.62 11.47 -1.02
N ARG D 45 2.06 10.47 -1.75
CA ARG D 45 1.30 9.23 -1.87
C ARG D 45 1.26 8.48 -0.53
N ILE D 46 0.06 8.18 -0.06
CA ILE D 46 -0.15 7.39 1.16
C ILE D 46 0.23 5.93 0.92
N GLU D 47 0.75 5.27 1.94
CA GLU D 47 1.36 3.96 1.75
C GLU D 47 0.36 2.82 1.98
N LYS D 48 -0.39 2.90 3.07
CA LYS D 48 -1.34 1.83 3.39
C LYS D 48 -2.74 2.17 2.88
N VAL D 49 -2.98 1.85 1.61
CA VAL D 49 -4.29 2.13 1.02
C VAL D 49 -4.97 0.86 0.54
N GLU D 50 -6.25 0.73 0.87
CA GLU D 50 -7.04 -0.42 0.48
C GLU D 50 -8.07 -0.07 -0.58
N HIS D 51 -8.49 -1.08 -1.34
CA HIS D 51 -9.54 -0.92 -2.32
C HIS D 51 -10.44 -2.15 -2.34
N SER D 52 -11.69 -1.96 -2.71
CA SER D 52 -12.61 -3.06 -2.88
C SER D 52 -12.24 -3.87 -4.10
N ASP D 53 -12.82 -5.06 -4.24
CA ASP D 53 -12.57 -5.85 -5.44
C ASP D 53 -13.45 -5.37 -6.58
N LEU D 54 -12.93 -5.54 -7.79
CA LEU D 54 -13.55 -5.02 -9.00
C LEU D 54 -14.97 -5.55 -9.18
N SER D 55 -15.88 -4.62 -9.35
CA SER D 55 -17.26 -4.92 -9.61
C SER D 55 -17.71 -3.94 -10.67
N PHE D 56 -18.86 -4.17 -11.27
CA PHE D 56 -19.35 -3.26 -12.29
C PHE D 56 -20.84 -3.01 -12.11
N SER D 57 -21.30 -1.89 -12.65
CA SER D 57 -22.69 -1.51 -12.56
C SER D 57 -23.53 -2.17 -13.64
N LYS D 58 -24.82 -1.80 -13.69
CA LYS D 58 -25.75 -2.37 -14.67
C LYS D 58 -25.34 -2.15 -16.12
N ASP D 59 -24.71 -1.02 -16.41
CA ASP D 59 -24.28 -0.73 -17.78
C ASP D 59 -22.86 -1.26 -18.05
N TRP D 60 -22.44 -2.23 -17.24
CA TRP D 60 -21.13 -2.85 -17.36
C TRP D 60 -19.97 -1.97 -16.94
N SER D 61 -20.26 -0.74 -16.51
CA SER D 61 -19.22 0.15 -16.03
C SER D 61 -18.76 -0.27 -14.64
N PHE D 62 -17.45 -0.22 -14.41
CA PHE D 62 -16.86 -0.65 -13.14
C PHE D 62 -16.96 0.38 -12.03
N TYR D 63 -16.84 -0.09 -10.80
CA TYR D 63 -16.71 0.79 -9.64
C TYR D 63 -15.78 0.16 -8.60
N LEU D 64 -14.96 1.01 -7.99
CA LEU D 64 -14.04 0.60 -6.94
C LEU D 64 -14.07 1.62 -5.82
N LEU D 65 -13.77 1.16 -4.61
CA LEU D 65 -13.68 2.05 -3.45
C LEU D 65 -12.30 1.97 -2.84
N TYR D 66 -11.62 3.11 -2.80
CA TYR D 66 -10.33 3.20 -2.14
C TYR D 66 -10.50 3.85 -0.80
N TYR D 67 -10.00 3.19 0.24
CA TYR D 67 -10.14 3.70 1.59
C TYR D 67 -8.82 3.60 2.36
N THR D 68 -8.69 4.46 3.36
CA THR D 68 -7.52 4.47 4.23
C THR D 68 -7.91 5.04 5.59
N GLU D 69 -7.33 4.50 6.66
CA GLU D 69 -7.56 5.06 7.98
C GLU D 69 -6.72 6.32 8.17
N PHE D 70 -7.38 7.45 8.38
CA PHE D 70 -6.66 8.70 8.56
C PHE D 70 -7.28 9.55 9.67
N THR D 71 -6.46 10.40 10.27
CA THR D 71 -6.94 11.32 11.30
C THR D 71 -6.85 12.74 10.78
N PRO D 72 -8.00 13.33 10.42
CA PRO D 72 -8.07 14.66 9.83
C PRO D 72 -7.58 15.75 10.76
N THR D 73 -6.77 16.67 10.23
CA THR D 73 -6.36 17.86 10.97
C THR D 73 -6.69 19.07 10.13
N GLU D 74 -6.63 20.26 10.74
CA GLU D 74 -6.92 21.49 10.02
C GLU D 74 -5.84 21.80 8.99
N LYS D 75 -4.58 21.55 9.34
CA LYS D 75 -3.47 21.86 8.47
C LYS D 75 -3.32 20.85 7.33
N ASP D 76 -3.44 19.56 7.64
CA ASP D 76 -3.23 18.51 6.64
C ASP D 76 -4.29 18.49 5.55
N GLU D 77 -3.84 18.42 4.30
CA GLU D 77 -4.73 18.42 3.15
C GLU D 77 -4.69 17.07 2.45
N TYR D 78 -5.87 16.57 2.09
CA TYR D 78 -5.97 15.27 1.44
C TYR D 78 -6.63 15.36 0.06
N ALA D 79 -6.20 14.47 -0.84
CA ALA D 79 -6.73 14.42 -2.20
C ALA D 79 -6.62 13.03 -2.80
N CYS D 80 -7.30 12.84 -3.92
CA CYS D 80 -7.30 11.58 -4.66
C CYS D 80 -6.79 11.78 -6.09
N ARG D 81 -5.76 11.03 -6.47
CA ARG D 81 -5.19 11.10 -7.81
C ARG D 81 -5.53 9.87 -8.65
N VAL D 82 -6.40 10.05 -9.64
CA VAL D 82 -6.84 8.94 -10.47
C VAL D 82 -6.31 9.07 -11.91
N ASN D 83 -5.71 8.00 -12.40
CA ASN D 83 -5.27 7.97 -13.78
C ASN D 83 -5.96 6.85 -14.56
N HIS D 84 -6.55 7.21 -15.69
CA HIS D 84 -7.23 6.27 -16.55
C HIS D 84 -6.80 6.50 -18.00
N VAL D 85 -7.10 5.54 -18.87
CA VAL D 85 -6.71 5.65 -20.28
C VAL D 85 -7.46 6.78 -20.97
N THR D 86 -8.64 7.13 -20.45
CA THR D 86 -9.43 8.21 -21.04
C THR D 86 -8.91 9.57 -20.61
N LEU D 87 -7.89 9.57 -19.75
CA LEU D 87 -7.32 10.79 -19.22
C LEU D 87 -5.93 11.06 -19.78
N SER D 88 -5.78 12.24 -20.38
CA SER D 88 -4.51 12.66 -20.95
C SER D 88 -3.44 12.87 -19.87
N GLN D 89 -3.89 13.36 -18.72
CA GLN D 89 -3.01 13.54 -17.57
C GLN D 89 -3.79 13.18 -16.33
N PRO D 90 -3.09 12.66 -15.32
CA PRO D 90 -3.69 12.26 -14.04
C PRO D 90 -4.57 13.35 -13.43
N LYS D 91 -5.84 13.04 -13.22
CA LYS D 91 -6.77 14.00 -12.63
C LYS D 91 -6.68 13.96 -11.12
N ILE D 92 -6.65 15.13 -10.49
CA ILE D 92 -6.56 15.22 -9.04
C ILE D 92 -7.79 15.91 -8.45
N VAL D 93 -8.45 15.25 -7.51
CA VAL D 93 -9.64 15.80 -6.86
C VAL D 93 -9.38 16.04 -5.38
N LYS D 94 -9.35 17.31 -4.98
CA LYS D 94 -9.14 17.65 -3.58
C LYS D 94 -10.34 17.28 -2.72
N TRP D 95 -10.08 16.95 -1.46
CA TRP D 95 -11.14 16.57 -0.54
C TRP D 95 -11.73 17.78 0.17
N ASP D 96 -13.04 17.92 0.08
CA ASP D 96 -13.76 18.94 0.84
C ASP D 96 -14.62 18.25 1.87
N ARG D 97 -14.42 18.61 3.13
CA ARG D 97 -15.16 18.01 4.24
CA ARG D 97 -15.16 18.01 4.24
C ARG D 97 -16.67 18.15 4.04
N ASP D 98 -17.09 19.30 3.52
CA ASP D 98 -18.49 19.63 3.36
C ASP D 98 -19.12 19.08 2.08
N MET D 99 -18.31 18.47 1.23
CA MET D 99 -18.82 17.86 0.01
C MET D 99 -18.54 16.36 -0.02
N LYS E 1 -24.77 -19.53 -3.73
CA LYS E 1 -24.10 -20.70 -4.37
C LYS E 1 -24.09 -20.48 -5.86
N ARG E 2 -23.00 -20.86 -6.52
CA ARG E 2 -22.83 -20.54 -7.92
C ARG E 2 -23.34 -21.59 -8.89
N TRP E 3 -23.50 -21.14 -10.12
CA TRP E 3 -23.81 -21.98 -11.25
C TRP E 3 -22.56 -22.14 -12.08
N ILE E 4 -22.43 -23.31 -12.69
CA ILE E 4 -21.32 -23.58 -13.60
C ILE E 4 -21.89 -24.20 -14.86
N ILE E 5 -21.44 -23.70 -16.00
CA ILE E 5 -21.90 -24.18 -17.29
C ILE E 5 -21.33 -25.56 -17.62
N LEU E 6 -22.04 -26.28 -18.47
CA LEU E 6 -21.57 -27.58 -18.97
C LEU E 6 -20.68 -27.37 -20.21
N LYS F 1 18.39 5.34 26.00
CA LYS F 1 17.78 6.68 26.29
C LYS F 1 18.49 7.79 25.53
N ARG F 2 17.70 8.77 25.10
CA ARG F 2 18.21 9.79 24.21
C ARG F 2 18.80 10.97 24.96
N TRP F 3 19.57 11.77 24.24
CA TRP F 3 20.07 13.04 24.75
C TRP F 3 19.27 14.16 24.09
N ILE F 4 19.06 15.22 24.83
CA ILE F 4 18.37 16.39 24.30
C ILE F 4 19.18 17.62 24.67
N ILE F 5 19.37 18.51 23.71
CA ILE F 5 20.14 19.72 23.92
C ILE F 5 19.38 20.69 24.84
N LEU F 6 20.12 21.54 25.52
CA LEU F 6 19.53 22.59 26.35
C LEU F 6 19.31 23.85 25.50
#